data_9DEP
#
_entry.id   9DEP
#
_cell.length_a   244.997
_cell.length_b   68.848
_cell.length_c   76.052
_cell.angle_alpha   90.000
_cell.angle_beta   105.210
_cell.angle_gamma   90.000
#
_symmetry.space_group_name_H-M   'C 1 2 1'
#
loop_
_entity.id
_entity.type
_entity.pdbx_description
1 polymer 'Ubiquitin carboxyl-terminal hydrolase 7'
2 polymer 'Macrocycle peptide MC09'
3 non-polymer 'SULFATE ION'
4 water water
#
loop_
_entity_poly.entity_id
_entity_poly.type
_entity_poly.pdbx_seq_one_letter_code
_entity_poly.pdbx_strand_id
1 'polypeptide(L)'
;MGSSHHHHHHSSGLVPRGSHMKKHTGYVGLKNQGATCYMNSLLQTLFFTNQLRKAVYMMPTEGDDSSKSVPLALQRVFYE
LQHSDKPVGTKKLTKSFGWETLDSFMQHDVQELCRVLLDNVENKMKGTCVEGTIPKLFRGKMVSYIQCKEVDYRSDRRED
YYDIQLSIKGKKNIFESFVDYVAVEQLDGDNKYDAGEHGLQEAEKGVKFLTLPPVLHLQLMRFMYDPQTDQNIKINDRFE
FPEQLPLDEFLQKTDPKDPANYILHAVLVHSGDNHGGHYVVYLNPKGDGKWCKFDDDVVSRCTKEEAIEHNYGGHDDDLS
VRHCTNAYMLVYIRESKLSEVLQAVTDHDIPQQLVERLQEEKRIEAQK
;
A,B,E
2 'polypeptide(L)' (ACE)FFRIRYFATNVRCK C,D,F
#
# COMPACT_ATOMS: atom_id res chain seq x y z
N HIS A 24 7.31 13.28 -33.39
CA HIS A 24 8.56 13.00 -34.11
C HIS A 24 9.01 11.56 -33.89
N THR A 25 8.23 10.82 -33.09
CA THR A 25 8.46 9.40 -32.88
C THR A 25 7.29 8.53 -33.31
N GLY A 26 6.11 9.11 -33.54
CA GLY A 26 4.92 8.35 -33.85
C GLY A 26 4.15 7.87 -32.64
N TYR A 27 4.73 7.99 -31.44
CA TYR A 27 4.08 7.56 -30.21
C TYR A 27 3.98 8.73 -29.24
N VAL A 28 2.92 8.73 -28.45
CA VAL A 28 2.65 9.81 -27.51
C VAL A 28 2.80 9.28 -26.09
N GLY A 29 3.11 10.18 -25.16
CA GLY A 29 3.41 9.82 -23.79
C GLY A 29 2.24 10.06 -22.85
N LEU A 30 2.51 9.85 -21.57
CA LEU A 30 1.52 9.97 -20.50
C LEU A 30 1.92 11.06 -19.53
N LYS A 31 0.94 11.83 -19.06
CA LYS A 31 1.21 12.92 -18.15
C LYS A 31 1.71 12.40 -16.81
N ASN A 32 2.56 13.20 -16.15
CA ASN A 32 3.04 12.91 -14.81
C ASN A 32 2.25 13.78 -13.84
N GLN A 33 1.05 13.29 -13.49
CA GLN A 33 0.10 14.06 -12.68
C GLN A 33 0.27 13.73 -11.20
N GLY A 34 1.50 13.91 -10.71
CA GLY A 34 1.80 13.66 -9.32
C GLY A 34 2.83 12.57 -9.12
N ALA A 35 2.46 11.51 -8.41
CA ALA A 35 3.35 10.38 -8.14
C ALA A 35 2.60 9.10 -8.46
N THR A 36 2.72 8.64 -9.71
CA THR A 36 2.19 7.35 -10.13
C THR A 36 3.27 6.32 -10.38
N CYS A 37 4.54 6.71 -10.32
CA CYS A 37 5.68 5.80 -10.42
C CYS A 37 5.62 4.94 -11.67
N TYR A 38 5.50 3.63 -11.46
CA TYR A 38 5.58 2.64 -12.52
C TYR A 38 4.33 2.58 -13.39
N MET A 39 3.28 3.34 -13.08
CA MET A 39 2.02 3.17 -13.79
C MET A 39 2.15 3.58 -15.25
N ASN A 40 2.80 4.72 -15.52
CA ASN A 40 2.98 5.15 -16.90
C ASN A 40 3.78 4.12 -17.68
N SER A 41 4.77 3.50 -17.04
CA SER A 41 5.54 2.46 -17.72
C SER A 41 4.68 1.23 -17.99
N LEU A 42 3.79 0.88 -17.05
CA LEU A 42 2.96 -0.30 -17.23
C LEU A 42 1.88 -0.08 -18.28
N LEU A 43 1.30 1.12 -18.31
CA LEU A 43 0.26 1.40 -19.30
C LEU A 43 0.81 1.31 -20.72
N GLN A 44 2.05 1.78 -20.93
CA GLN A 44 2.64 1.67 -22.26
C GLN A 44 2.91 0.23 -22.63
N THR A 45 3.29 -0.61 -21.66
CA THR A 45 3.53 -2.02 -21.93
C THR A 45 2.23 -2.72 -22.34
N LEU A 46 1.15 -2.47 -21.61
CA LEU A 46 -0.13 -3.11 -21.94
C LEU A 46 -0.74 -2.53 -23.21
N PHE A 47 -0.54 -1.24 -23.47
CA PHE A 47 -1.10 -0.62 -24.66
C PHE A 47 -0.46 -1.18 -25.93
N PHE A 48 0.83 -1.49 -25.88
CA PHE A 48 1.52 -2.03 -27.03
C PHE A 48 1.46 -3.56 -27.09
N THR A 49 0.81 -4.20 -26.12
CA THR A 49 0.38 -5.58 -26.28
C THR A 49 -0.86 -5.52 -27.15
N ASN A 50 -0.65 -5.58 -28.47
CA ASN A 50 -1.70 -5.21 -29.42
C ASN A 50 -2.89 -6.16 -29.35
N GLN A 51 -2.64 -7.46 -29.13
CA GLN A 51 -3.76 -8.39 -28.97
C GLN A 51 -4.57 -8.06 -27.73
N LEU A 52 -3.93 -7.57 -26.68
CA LEU A 52 -4.66 -7.08 -25.51
C LEU A 52 -5.43 -5.82 -25.86
N ARG A 53 -4.82 -4.91 -26.62
CA ARG A 53 -5.46 -3.64 -26.93
C ARG A 53 -6.72 -3.82 -27.77
N LYS A 54 -6.62 -4.62 -28.84
CA LYS A 54 -7.79 -4.86 -29.67
C LYS A 54 -8.89 -5.57 -28.89
N ALA A 55 -8.51 -6.48 -27.99
CA ALA A 55 -9.49 -7.17 -27.18
C ALA A 55 -10.11 -6.25 -26.14
N VAL A 56 -9.34 -5.28 -25.62
CA VAL A 56 -9.89 -4.31 -24.68
C VAL A 56 -10.93 -3.44 -25.39
N TYR A 57 -10.70 -3.11 -26.66
CA TYR A 57 -11.68 -2.32 -27.40
C TYR A 57 -13.01 -3.06 -27.56
N MET A 58 -12.98 -4.40 -27.52
CA MET A 58 -14.17 -5.21 -27.76
C MET A 58 -15.12 -5.30 -26.58
N MET A 59 -14.74 -4.79 -25.41
CA MET A 59 -15.53 -5.01 -24.21
C MET A 59 -16.86 -4.25 -24.28
N PRO A 60 -17.98 -4.91 -23.98
CA PRO A 60 -19.28 -4.20 -23.98
C PRO A 60 -19.43 -3.31 -22.75
N THR A 61 -19.07 -2.05 -22.89
CA THR A 61 -19.03 -1.10 -21.79
C THR A 61 -19.96 0.09 -22.03
N GLU A 62 -20.91 -0.04 -22.96
CA GLU A 62 -21.77 1.07 -23.30
C GLU A 62 -22.53 1.60 -22.09
N GLY A 63 -22.97 0.70 -21.21
CA GLY A 63 -23.77 1.06 -20.05
C GLY A 63 -23.04 1.16 -18.74
N ASP A 64 -21.71 1.21 -18.75
CA ASP A 64 -20.97 1.33 -17.51
C ASP A 64 -20.97 2.78 -17.01
N ASP A 65 -20.50 2.96 -15.79
CA ASP A 65 -20.41 4.28 -15.16
C ASP A 65 -18.98 4.79 -15.30
N SER A 66 -18.81 5.93 -15.99
CA SER A 66 -17.49 6.45 -16.26
C SER A 66 -16.71 6.79 -15.00
N SER A 67 -17.39 7.00 -13.87
CA SER A 67 -16.69 7.37 -12.65
C SER A 67 -16.00 6.17 -12.00
N LYS A 68 -16.56 4.96 -12.15
CA LYS A 68 -16.04 3.80 -11.45
C LYS A 68 -15.74 2.60 -12.34
N SER A 69 -15.90 2.72 -13.66
CA SER A 69 -15.63 1.62 -14.57
C SER A 69 -14.18 1.72 -15.03
N VAL A 70 -13.35 0.80 -14.54
CA VAL A 70 -11.95 0.76 -14.96
C VAL A 70 -11.79 0.07 -16.32
N PRO A 71 -12.66 -0.86 -16.75
CA PRO A 71 -12.54 -1.32 -18.14
C PRO A 71 -12.78 -0.20 -19.14
N LEU A 72 -13.82 0.59 -18.93
CA LEU A 72 -14.02 1.78 -19.76
C LEU A 72 -12.87 2.77 -19.58
N ALA A 73 -12.37 2.90 -18.36
CA ALA A 73 -11.28 3.83 -18.10
C ALA A 73 -10.02 3.43 -18.85
N LEU A 74 -9.77 2.12 -18.95
CA LEU A 74 -8.60 1.65 -19.68
C LEU A 74 -8.77 1.84 -21.18
N GLN A 75 -10.01 1.74 -21.68
CA GLN A 75 -10.27 1.96 -23.10
C GLN A 75 -9.98 3.41 -23.49
N ARG A 76 -10.39 4.36 -22.65
CA ARG A 76 -10.14 5.76 -22.96
C ARG A 76 -8.64 6.04 -23.06
N VAL A 77 -7.86 5.52 -22.11
CA VAL A 77 -6.42 5.73 -22.14
C VAL A 77 -5.82 5.10 -23.39
N PHE A 78 -6.32 3.92 -23.77
CA PHE A 78 -5.79 3.26 -24.96
C PHE A 78 -6.20 4.01 -26.23
N TYR A 79 -7.45 4.46 -26.30
CA TYR A 79 -7.89 5.26 -27.44
C TYR A 79 -7.12 6.57 -27.53
N GLU A 80 -6.86 7.20 -26.38
CA GLU A 80 -6.14 8.47 -26.38
C GLU A 80 -4.67 8.26 -26.73
N LEU A 81 -4.08 7.14 -26.30
CA LEU A 81 -2.71 6.85 -26.69
C LEU A 81 -2.58 6.62 -28.19
N GLN A 82 -3.65 6.16 -28.84
CA GLN A 82 -3.62 5.87 -30.27
C GLN A 82 -3.94 7.08 -31.13
N HIS A 83 -4.64 8.07 -30.60
CA HIS A 83 -5.13 9.19 -31.39
C HIS A 83 -4.56 10.55 -30.98
N SER A 84 -4.39 10.79 -29.68
CA SER A 84 -4.04 12.12 -29.21
C SER A 84 -2.63 12.51 -29.63
N ASP A 85 -2.48 13.77 -30.06
CA ASP A 85 -1.19 14.35 -30.35
C ASP A 85 -0.52 14.95 -29.12
N LYS A 86 -1.27 15.15 -28.05
CA LYS A 86 -0.78 15.73 -26.80
C LYS A 86 -0.63 14.66 -25.73
N PRO A 87 0.16 14.91 -24.69
CA PRO A 87 0.31 13.93 -23.61
C PRO A 87 -1.03 13.53 -23.01
N VAL A 88 -1.11 12.26 -22.61
CA VAL A 88 -2.37 11.62 -22.25
C VAL A 88 -2.55 11.65 -20.74
N GLY A 89 -3.78 11.97 -20.30
CA GLY A 89 -4.08 12.01 -18.88
C GLY A 89 -4.58 10.67 -18.35
N THR A 90 -4.32 10.44 -17.06
CA THR A 90 -4.70 9.19 -16.40
C THR A 90 -5.47 9.44 -15.10
N LYS A 91 -6.00 10.65 -14.91
CA LYS A 91 -6.67 10.98 -13.67
C LYS A 91 -7.95 10.18 -13.49
N LYS A 92 -8.78 10.08 -14.53
CA LYS A 92 -9.98 9.26 -14.45
C LYS A 92 -9.67 7.78 -14.35
N LEU A 93 -8.50 7.35 -14.82
CA LEU A 93 -8.12 5.95 -14.68
C LEU A 93 -7.68 5.63 -13.25
N THR A 94 -6.90 6.53 -12.64
CA THR A 94 -6.48 6.30 -11.26
C THR A 94 -7.67 6.32 -10.32
N LYS A 95 -8.65 7.18 -10.59
CA LYS A 95 -9.83 7.25 -9.74
C LYS A 95 -10.70 6.01 -9.86
N SER A 96 -10.59 5.27 -10.96
CA SER A 96 -11.53 4.19 -11.22
C SER A 96 -11.26 2.98 -10.33
N PHE A 97 -9.99 2.68 -10.07
CA PHE A 97 -9.64 1.56 -9.19
C PHE A 97 -9.11 2.01 -7.83
N GLY A 98 -9.46 3.23 -7.41
CA GLY A 98 -9.26 3.64 -6.03
C GLY A 98 -7.86 4.02 -5.62
N TRP A 99 -6.98 4.31 -6.58
CA TRP A 99 -5.61 4.71 -6.22
C TRP A 99 -5.42 6.20 -6.48
N GLU A 100 -6.36 7.02 -6.02
CA GLU A 100 -6.22 8.47 -6.17
C GLU A 100 -5.27 9.08 -5.17
N THR A 101 -5.06 8.44 -4.02
CA THR A 101 -4.09 8.92 -3.05
C THR A 101 -2.67 8.80 -3.62
N LEU A 102 -1.88 9.86 -3.44
CA LEU A 102 -0.54 9.89 -4.02
C LEU A 102 0.37 8.81 -3.46
N ASP A 103 0.05 8.26 -2.29
CA ASP A 103 0.83 7.18 -1.71
C ASP A 103 0.43 5.80 -2.21
N SER A 104 -0.67 5.70 -2.98
CA SER A 104 -1.19 4.39 -3.35
C SER A 104 -0.19 3.60 -4.18
N PHE A 105 0.51 4.26 -5.10
CA PHE A 105 1.41 3.53 -5.98
C PHE A 105 2.71 3.15 -5.30
N MET A 106 3.14 3.92 -4.29
CA MET A 106 4.31 3.52 -3.52
C MET A 106 4.03 2.35 -2.59
N GLN A 107 2.76 2.13 -2.26
CA GLN A 107 2.36 1.05 -1.36
C GLN A 107 1.95 -0.21 -2.10
N HIS A 108 2.31 -0.32 -3.37
CA HIS A 108 2.03 -1.52 -4.16
C HIS A 108 3.19 -1.74 -5.12
N ASP A 109 3.35 -2.99 -5.54
CA ASP A 109 4.37 -3.33 -6.52
C ASP A 109 3.78 -3.28 -7.92
N VAL A 110 4.66 -3.29 -8.93
CA VAL A 110 4.21 -3.17 -10.30
C VAL A 110 3.38 -4.38 -10.71
N GLN A 111 3.66 -5.56 -10.16
CA GLN A 111 2.86 -6.73 -10.49
C GLN A 111 1.46 -6.65 -9.91
N GLU A 112 1.30 -6.04 -8.73
CA GLU A 112 -0.02 -5.91 -8.13
C GLU A 112 -0.92 -5.03 -8.99
N LEU A 113 -0.39 -3.92 -9.50
CA LEU A 113 -1.17 -3.05 -10.36
C LEU A 113 -1.63 -3.79 -11.61
N CYS A 114 -0.70 -4.51 -12.26
CA CYS A 114 -1.05 -5.26 -13.46
C CYS A 114 -2.16 -6.25 -13.20
N ARG A 115 -2.11 -6.95 -12.06
CA ARG A 115 -3.18 -7.87 -11.71
C ARG A 115 -4.50 -7.15 -11.47
N VAL A 116 -4.46 -5.91 -10.98
CA VAL A 116 -5.68 -5.15 -10.78
C VAL A 116 -6.31 -4.79 -12.12
N LEU A 117 -5.50 -4.36 -13.09
CA LEU A 117 -6.02 -4.06 -14.41
C LEU A 117 -6.52 -5.32 -15.11
N LEU A 118 -5.71 -6.38 -15.11
CA LEU A 118 -6.05 -7.58 -15.86
C LEU A 118 -7.25 -8.31 -15.27
N ASP A 119 -7.41 -8.27 -13.95
CA ASP A 119 -8.57 -8.92 -13.34
C ASP A 119 -9.87 -8.29 -13.80
N ASN A 120 -9.91 -6.96 -13.92
CA ASN A 120 -11.16 -6.30 -14.25
C ASN A 120 -11.50 -6.42 -15.73
N VAL A 121 -10.49 -6.38 -16.61
CA VAL A 121 -10.79 -6.56 -18.04
C VAL A 121 -11.18 -8.00 -18.33
N GLU A 122 -10.64 -8.96 -17.59
CA GLU A 122 -10.99 -10.36 -17.82
C GLU A 122 -12.36 -10.69 -17.25
N ASN A 123 -12.73 -10.09 -16.10
CA ASN A 123 -14.07 -10.27 -15.58
C ASN A 123 -15.10 -9.60 -16.49
N LYS A 124 -14.74 -8.47 -17.09
CA LYS A 124 -15.66 -7.81 -18.02
C LYS A 124 -15.81 -8.60 -19.31
N MET A 125 -14.76 -9.33 -19.71
CA MET A 125 -14.80 -10.17 -20.90
C MET A 125 -15.55 -11.47 -20.68
N LYS A 126 -15.95 -11.78 -19.45
CA LYS A 126 -16.69 -13.01 -19.19
C LYS A 126 -18.04 -12.97 -19.88
N GLY A 127 -18.33 -14.01 -20.66
CA GLY A 127 -19.61 -14.11 -21.35
C GLY A 127 -19.69 -13.43 -22.69
N THR A 128 -18.62 -12.79 -23.14
CA THR A 128 -18.61 -12.11 -24.43
C THR A 128 -17.64 -12.80 -25.39
N CYS A 129 -17.64 -12.33 -26.64
CA CYS A 129 -16.89 -12.99 -27.70
C CYS A 129 -15.37 -12.96 -27.47
N VAL A 130 -14.88 -12.03 -26.66
CA VAL A 130 -13.45 -11.97 -26.36
C VAL A 130 -13.21 -12.48 -24.94
N GLU A 131 -13.89 -13.56 -24.57
CA GLU A 131 -13.66 -14.17 -23.27
C GLU A 131 -12.39 -15.00 -23.29
N GLY A 132 -11.71 -15.03 -22.15
CA GLY A 132 -10.51 -15.83 -22.02
C GLY A 132 -9.27 -15.24 -22.67
N THR A 133 -9.29 -13.96 -23.02
CA THR A 133 -8.12 -13.33 -23.61
C THR A 133 -6.96 -13.32 -22.62
N ILE A 134 -7.18 -12.74 -21.43
CA ILE A 134 -6.10 -12.61 -20.45
C ILE A 134 -5.40 -13.93 -20.16
N PRO A 135 -6.10 -15.05 -19.92
CA PRO A 135 -5.38 -16.31 -19.76
C PRO A 135 -4.60 -16.74 -21.00
N LYS A 136 -5.10 -16.40 -22.20
CA LYS A 136 -4.42 -16.80 -23.41
C LYS A 136 -3.08 -16.09 -23.60
N LEU A 137 -2.97 -14.83 -23.16
CA LEU A 137 -1.74 -14.09 -23.34
C LEU A 137 -0.78 -14.23 -22.16
N PHE A 138 -1.28 -14.17 -20.93
CA PHE A 138 -0.43 -13.99 -19.77
C PHE A 138 -0.37 -15.19 -18.83
N ARG A 139 -1.24 -16.19 -19.00
CA ARG A 139 -1.33 -17.29 -18.05
C ARG A 139 -0.39 -18.43 -18.42
N GLY A 140 0.32 -18.94 -17.41
CA GLY A 140 1.12 -20.12 -17.59
C GLY A 140 0.81 -21.15 -16.50
N LYS A 141 1.22 -22.39 -16.77
CA LYS A 141 1.00 -23.50 -15.86
C LYS A 141 2.30 -23.85 -15.15
N MET A 142 2.24 -23.99 -13.83
CA MET A 142 3.40 -24.26 -13.00
C MET A 142 3.09 -25.40 -12.05
N VAL A 143 4.09 -26.24 -11.80
CA VAL A 143 3.98 -27.31 -10.81
C VAL A 143 5.06 -27.10 -9.75
N SER A 144 4.73 -27.41 -8.51
CA SER A 144 5.66 -27.34 -7.39
C SER A 144 5.50 -28.60 -6.57
N TYR A 145 6.58 -29.34 -6.38
CA TYR A 145 6.54 -30.68 -5.80
C TYR A 145 7.31 -30.74 -4.50
N ILE A 146 7.05 -31.81 -3.75
CA ILE A 146 7.84 -32.22 -2.60
C ILE A 146 7.99 -33.73 -2.67
N GLN A 147 9.24 -34.20 -2.78
CA GLN A 147 9.54 -35.61 -3.02
C GLN A 147 10.39 -36.16 -1.88
N CYS A 148 9.86 -37.14 -1.17
CA CYS A 148 10.59 -37.73 -0.06
C CYS A 148 11.79 -38.52 -0.56
N LYS A 149 12.85 -38.53 0.26
CA LYS A 149 14.09 -39.21 -0.12
C LYS A 149 14.05 -40.67 0.28
N GLU A 150 13.65 -40.96 1.52
CA GLU A 150 13.62 -42.35 1.99
C GLU A 150 12.36 -43.06 1.52
N VAL A 151 11.19 -42.58 1.95
CA VAL A 151 9.93 -43.20 1.54
C VAL A 151 9.52 -42.69 0.17
N ASP A 152 8.58 -43.39 -0.45
CA ASP A 152 8.12 -43.06 -1.80
C ASP A 152 6.79 -42.32 -1.74
N TYR A 153 6.87 -41.08 -1.25
CA TYR A 153 5.73 -40.19 -1.19
C TYR A 153 6.07 -38.88 -1.87
N ARG A 154 5.15 -38.39 -2.70
CA ARG A 154 5.34 -37.16 -3.46
C ARG A 154 4.04 -36.37 -3.45
N SER A 155 4.14 -35.07 -3.15
CA SER A 155 2.97 -34.19 -3.09
C SER A 155 3.07 -33.18 -4.24
N ASP A 156 2.38 -33.47 -5.33
CA ASP A 156 2.34 -32.58 -6.47
C ASP A 156 1.31 -31.47 -6.25
N ARG A 157 1.62 -30.28 -6.75
CA ARG A 157 0.74 -29.13 -6.58
C ARG A 157 0.79 -28.30 -7.86
N ARG A 158 -0.30 -28.31 -8.61
CA ARG A 158 -0.42 -27.55 -9.85
C ARG A 158 -1.11 -26.22 -9.57
N GLU A 159 -0.52 -25.13 -10.07
CA GLU A 159 -1.10 -23.81 -9.90
C GLU A 159 -0.68 -22.94 -11.08
N ASP A 160 -1.37 -21.82 -11.23
CA ASP A 160 -1.20 -20.91 -12.36
C ASP A 160 -0.35 -19.72 -11.96
N TYR A 161 0.19 -19.05 -12.98
CA TYR A 161 0.89 -17.78 -12.79
C TYR A 161 0.53 -16.84 -13.93
N TYR A 162 0.68 -15.54 -13.66
CA TYR A 162 0.57 -14.51 -14.67
C TYR A 162 1.81 -13.65 -14.73
N ASP A 163 2.81 -13.93 -13.91
CA ASP A 163 4.05 -13.18 -13.80
C ASP A 163 5.01 -13.97 -12.91
N ILE A 164 6.31 -13.80 -13.17
CA ILE A 164 7.35 -14.55 -12.47
C ILE A 164 8.25 -13.57 -11.74
N GLN A 165 8.57 -13.87 -10.48
CA GLN A 165 9.49 -13.08 -9.69
C GLN A 165 10.84 -13.79 -9.64
N LEU A 166 11.87 -13.14 -10.17
CA LEU A 166 13.20 -13.71 -10.27
C LEU A 166 14.13 -13.08 -9.24
N SER A 167 15.02 -13.89 -8.68
CA SER A 167 16.03 -13.41 -7.74
C SER A 167 17.29 -13.06 -8.50
N ILE A 168 17.87 -11.89 -8.19
CA ILE A 168 19.03 -11.40 -8.91
C ILE A 168 20.28 -11.31 -8.04
N LYS A 169 20.14 -11.22 -6.71
CA LYS A 169 21.30 -11.04 -5.85
C LYS A 169 22.21 -12.25 -5.94
N GLY A 170 23.42 -12.06 -6.49
CA GLY A 170 24.35 -13.14 -6.72
C GLY A 170 24.31 -13.70 -8.13
N LYS A 171 23.20 -13.49 -8.84
CA LYS A 171 22.98 -14.12 -10.13
C LYS A 171 23.43 -13.20 -11.26
N LYS A 172 24.18 -13.76 -12.21
CA LYS A 172 24.85 -12.94 -13.22
C LYS A 172 23.91 -12.54 -14.36
N ASN A 173 23.04 -13.44 -14.80
CA ASN A 173 22.14 -13.11 -15.89
C ASN A 173 20.81 -13.83 -15.68
N ILE A 174 19.91 -13.71 -16.66
CA ILE A 174 18.59 -14.31 -16.59
C ILE A 174 18.69 -15.84 -16.57
N PHE A 175 19.67 -16.39 -17.28
CA PHE A 175 19.97 -17.81 -17.20
C PHE A 175 20.12 -18.25 -15.75
N GLU A 176 20.98 -17.56 -14.99
CA GLU A 176 21.27 -17.97 -13.62
C GLU A 176 20.10 -17.75 -12.68
N SER A 177 19.16 -16.86 -13.02
CA SER A 177 17.99 -16.69 -12.16
C SER A 177 16.93 -17.76 -12.42
N PHE A 178 16.89 -18.31 -13.64
CA PHE A 178 15.95 -19.38 -13.93
C PHE A 178 16.41 -20.71 -13.36
N VAL A 179 17.73 -20.96 -13.30
CA VAL A 179 18.20 -22.19 -12.68
C VAL A 179 18.01 -22.14 -11.18
N ASP A 180 18.14 -20.96 -10.57
CA ASP A 180 17.88 -20.82 -9.14
C ASP A 180 16.40 -20.95 -8.82
N TYR A 181 15.53 -20.69 -9.79
CA TYR A 181 14.09 -20.81 -9.59
C TYR A 181 13.63 -22.26 -9.57
N VAL A 182 14.32 -23.13 -10.31
CA VAL A 182 13.96 -24.54 -10.41
C VAL A 182 14.82 -25.43 -9.51
N ALA A 183 15.93 -24.91 -8.99
CA ALA A 183 16.85 -25.68 -8.17
C ALA A 183 16.12 -26.41 -7.05
N VAL A 184 16.57 -27.63 -6.76
CA VAL A 184 15.93 -28.48 -5.76
C VAL A 184 16.46 -28.11 -4.39
N GLU A 185 15.56 -27.94 -3.43
CA GLU A 185 15.89 -27.62 -2.06
C GLU A 185 15.88 -28.89 -1.22
N GLN A 186 16.87 -29.03 -0.34
CA GLN A 186 17.01 -30.22 0.49
C GLN A 186 16.33 -29.98 1.84
N LEU A 187 15.28 -30.76 2.11
CA LEU A 187 14.52 -30.66 3.35
C LEU A 187 15.04 -31.67 4.38
N ASP A 188 16.31 -31.52 4.71
CA ASP A 188 16.97 -32.41 5.66
C ASP A 188 17.09 -31.72 7.02
N GLY A 189 17.71 -32.41 7.96
CA GLY A 189 17.89 -31.87 9.30
C GLY A 189 16.56 -31.69 10.03
N ASP A 190 16.52 -30.66 10.87
CA ASP A 190 15.30 -30.34 11.61
C ASP A 190 14.32 -29.64 10.69
N ASN A 191 14.56 -29.73 9.39
CA ASN A 191 13.65 -29.20 8.38
C ASN A 191 13.02 -30.31 7.55
N LYS A 192 12.95 -31.52 8.10
CA LYS A 192 12.34 -32.64 7.40
C LYS A 192 10.88 -32.35 7.08
N TYR A 193 10.42 -32.91 5.96
CA TYR A 193 9.06 -32.71 5.51
C TYR A 193 8.09 -33.58 6.30
N ASP A 194 7.00 -32.97 6.77
CA ASP A 194 5.92 -33.71 7.42
C ASP A 194 5.16 -34.48 6.35
N ALA A 195 5.44 -35.77 6.24
CA ALA A 195 4.78 -36.63 5.27
C ALA A 195 3.51 -37.27 5.82
N GLY A 196 3.01 -36.80 6.97
CA GLY A 196 1.79 -37.32 7.53
C GLY A 196 1.94 -38.72 8.10
N GLU A 197 1.35 -39.71 7.43
CA GLU A 197 1.45 -41.09 7.88
C GLU A 197 2.89 -41.59 7.85
N HIS A 198 3.69 -41.12 6.88
CA HIS A 198 5.08 -41.52 6.79
C HIS A 198 5.97 -40.83 7.81
N GLY A 199 5.43 -39.92 8.61
CA GLY A 199 6.23 -39.20 9.59
C GLY A 199 7.21 -38.24 8.93
N LEU A 200 8.07 -37.67 9.77
CA LEU A 200 9.11 -36.78 9.28
C LEU A 200 10.05 -37.52 8.34
N GLN A 201 10.32 -36.92 7.19
CA GLN A 201 11.13 -37.57 6.16
C GLN A 201 11.98 -36.53 5.45
N GLU A 202 13.26 -36.85 5.25
CA GLU A 202 14.10 -36.04 4.38
C GLU A 202 13.49 -36.02 2.98
N ALA A 203 13.48 -34.84 2.36
CA ALA A 203 12.77 -34.68 1.10
C ALA A 203 13.46 -33.61 0.25
N GLU A 204 12.94 -33.42 -0.96
CA GLU A 204 13.42 -32.42 -1.90
C GLU A 204 12.24 -31.66 -2.46
N LYS A 205 12.24 -30.34 -2.31
CA LYS A 205 11.18 -29.48 -2.82
C LYS A 205 11.71 -28.70 -4.02
N GLY A 206 10.84 -28.47 -5.00
CA GLY A 206 11.26 -27.73 -6.18
C GLY A 206 10.06 -27.32 -7.00
N VAL A 207 10.34 -26.55 -8.05
CA VAL A 207 9.33 -26.01 -8.95
C VAL A 207 9.75 -26.30 -10.37
N LYS A 208 8.79 -26.71 -11.20
CA LYS A 208 9.03 -26.98 -12.62
C LYS A 208 7.97 -26.28 -13.45
N PHE A 209 8.38 -25.76 -14.61
CA PHE A 209 7.49 -25.05 -15.50
C PHE A 209 6.87 -26.02 -16.50
N LEU A 210 5.54 -25.92 -16.68
CA LEU A 210 4.83 -26.75 -17.64
C LEU A 210 4.67 -26.04 -18.97
N THR A 211 4.09 -24.85 -18.96
CA THR A 211 3.96 -24.03 -20.15
C THR A 211 4.32 -22.59 -19.81
N LEU A 212 4.80 -21.85 -20.81
CA LEU A 212 5.11 -20.43 -20.68
C LEU A 212 4.12 -19.61 -21.50
N PRO A 213 3.63 -18.49 -20.95
CA PRO A 213 2.59 -17.75 -21.65
C PRO A 213 3.17 -17.00 -22.85
N PRO A 214 2.36 -16.70 -23.86
CA PRO A 214 2.87 -15.95 -25.02
C PRO A 214 3.47 -14.60 -24.64
N VAL A 215 2.90 -13.91 -23.66
CA VAL A 215 3.44 -12.65 -23.15
C VAL A 215 3.92 -12.91 -21.74
N LEU A 216 5.24 -12.87 -21.55
CA LEU A 216 5.87 -13.27 -20.30
C LEU A 216 6.26 -12.04 -19.50
N HIS A 217 5.63 -11.85 -18.34
CA HIS A 217 5.98 -10.77 -17.43
C HIS A 217 6.99 -11.28 -16.39
N LEU A 218 8.14 -10.62 -16.31
CA LEU A 218 9.21 -11.02 -15.41
C LEU A 218 9.61 -9.82 -14.56
N GLN A 219 9.39 -9.91 -13.25
CA GLN A 219 9.83 -8.88 -12.32
C GLN A 219 11.13 -9.33 -11.66
N LEU A 220 12.17 -8.53 -11.83
CA LEU A 220 13.45 -8.76 -11.15
C LEU A 220 13.39 -8.12 -9.77
N MET A 221 13.77 -8.89 -8.76
CA MET A 221 13.73 -8.40 -7.37
C MET A 221 14.94 -7.51 -7.13
N ARG A 222 14.77 -6.23 -7.46
CA ARG A 222 15.82 -5.23 -7.29
C ARG A 222 15.71 -4.48 -5.98
N PHE A 223 14.82 -4.90 -5.09
CA PHE A 223 14.59 -4.17 -3.85
C PHE A 223 14.30 -5.16 -2.73
N MET A 224 14.68 -4.79 -1.50
CA MET A 224 14.60 -5.68 -0.36
C MET A 224 14.41 -4.86 0.91
N TYR A 225 13.47 -5.26 1.75
CA TYR A 225 13.24 -4.62 3.04
C TYR A 225 13.93 -5.45 4.12
N ASP A 226 14.98 -4.89 4.70
CA ASP A 226 15.41 -5.68 5.86
C ASP A 226 14.70 -5.18 7.12
N PRO A 227 14.33 -6.08 8.03
CA PRO A 227 13.64 -5.61 9.24
C PRO A 227 14.54 -4.89 10.23
N GLN A 228 15.86 -5.04 10.12
CA GLN A 228 16.79 -4.38 11.04
C GLN A 228 16.61 -2.87 11.00
N THR A 229 17.02 -2.24 9.90
CA THR A 229 16.72 -0.83 9.68
C THR A 229 15.40 -0.71 8.93
N ASP A 230 14.58 0.25 9.35
CA ASP A 230 13.22 0.38 8.82
C ASP A 230 13.25 1.16 7.51
N GLN A 231 13.86 0.53 6.50
CA GLN A 231 13.97 1.11 5.17
C GLN A 231 14.29 0.01 4.18
N ASN A 232 14.02 0.29 2.91
CA ASN A 232 14.34 -0.65 1.85
C ASN A 232 15.80 -0.51 1.43
N ILE A 233 16.24 -1.42 0.57
CA ILE A 233 17.58 -1.42 0.00
C ILE A 233 17.46 -1.83 -1.46
N LYS A 234 18.13 -1.11 -2.34
CA LYS A 234 18.09 -1.39 -3.77
C LYS A 234 19.30 -2.21 -4.18
N ILE A 235 19.05 -3.30 -4.90
CA ILE A 235 20.13 -4.06 -5.55
C ILE A 235 20.46 -3.34 -6.86
N ASN A 236 21.60 -2.66 -6.88
CA ASN A 236 22.12 -2.09 -8.12
C ASN A 236 23.20 -2.96 -8.73
N ASP A 237 23.24 -4.24 -8.37
CA ASP A 237 24.20 -5.16 -8.96
C ASP A 237 23.89 -5.39 -10.43
N ARG A 238 24.93 -5.73 -11.19
CA ARG A 238 24.77 -5.93 -12.62
C ARG A 238 23.99 -7.21 -12.89
N PHE A 239 22.96 -7.11 -13.74
CA PHE A 239 22.14 -8.25 -14.11
C PHE A 239 21.86 -8.16 -15.61
N GLU A 240 22.24 -9.20 -16.34
CA GLU A 240 22.15 -9.20 -17.80
C GLU A 240 20.89 -9.93 -18.27
N PHE A 241 20.29 -9.41 -19.34
CA PHE A 241 19.17 -10.06 -20.00
C PHE A 241 19.39 -9.98 -21.51
N PRO A 242 19.02 -11.03 -22.25
CA PRO A 242 19.26 -11.05 -23.69
C PRO A 242 18.10 -10.46 -24.49
N GLU A 243 18.42 -10.07 -25.72
CA GLU A 243 17.37 -9.71 -26.66
C GLU A 243 16.55 -10.92 -27.07
N GLN A 244 17.16 -12.08 -27.14
CA GLN A 244 16.49 -13.34 -27.46
C GLN A 244 16.74 -14.32 -26.32
N LEU A 245 15.66 -14.85 -25.76
CA LEU A 245 15.73 -15.71 -24.57
C LEU A 245 15.14 -17.08 -24.86
N PRO A 246 15.97 -18.08 -25.15
CA PRO A 246 15.45 -19.46 -25.32
C PRO A 246 15.25 -20.13 -23.98
N LEU A 247 13.99 -20.41 -23.63
CA LEU A 247 13.63 -21.00 -22.36
C LEU A 247 13.18 -22.44 -22.49
N ASP A 248 13.54 -23.11 -23.60
CA ASP A 248 13.13 -24.50 -23.78
C ASP A 248 13.78 -25.41 -22.75
N GLU A 249 14.96 -25.04 -22.24
CA GLU A 249 15.67 -25.91 -21.29
C GLU A 249 14.90 -26.04 -19.98
N PHE A 250 14.20 -24.99 -19.55
CA PHE A 250 13.50 -25.00 -18.27
C PHE A 250 12.09 -25.55 -18.37
N LEU A 251 11.61 -25.85 -19.58
CA LEU A 251 10.29 -26.43 -19.74
C LEU A 251 10.33 -27.93 -19.49
N GLN A 252 9.43 -28.42 -18.66
CA GLN A 252 9.23 -29.85 -18.52
C GLN A 252 8.36 -30.35 -19.68
N LYS A 253 8.80 -31.43 -20.32
CA LYS A 253 8.17 -31.97 -21.52
C LYS A 253 8.16 -30.93 -22.64
N THR A 254 9.37 -30.62 -23.10
CA THR A 254 9.53 -29.71 -24.23
C THR A 254 8.96 -30.32 -25.50
N ASP A 255 8.33 -29.49 -26.32
CA ASP A 255 7.85 -30.00 -27.59
C ASP A 255 8.54 -29.30 -28.74
N PRO A 256 8.99 -30.04 -29.75
CA PRO A 256 9.51 -29.40 -30.96
C PRO A 256 8.39 -28.67 -31.71
N LYS A 257 8.79 -28.00 -32.77
CA LYS A 257 7.94 -27.16 -33.63
C LYS A 257 7.35 -25.96 -32.90
N ASP A 258 7.63 -25.80 -31.60
CA ASP A 258 7.23 -24.62 -30.85
C ASP A 258 8.22 -24.43 -29.70
N PRO A 259 9.45 -23.99 -29.97
CA PRO A 259 10.39 -23.75 -28.87
C PRO A 259 9.97 -22.56 -28.03
N ALA A 260 10.46 -22.53 -26.80
CA ALA A 260 10.22 -21.42 -25.88
C ALA A 260 11.17 -20.25 -26.14
N ASN A 261 11.40 -19.90 -27.41
CA ASN A 261 12.25 -18.78 -27.75
C ASN A 261 11.44 -17.48 -27.68
N TYR A 262 11.89 -16.56 -26.84
CA TYR A 262 11.18 -15.31 -26.60
C TYR A 262 12.02 -14.13 -27.06
N ILE A 263 11.32 -13.04 -27.43
CA ILE A 263 11.94 -11.82 -27.92
C ILE A 263 11.66 -10.71 -26.91
N LEU A 264 12.67 -9.92 -26.60
CA LEU A 264 12.52 -8.82 -25.65
C LEU A 264 11.66 -7.72 -26.25
N HIS A 265 10.62 -7.32 -25.53
CA HIS A 265 9.68 -6.30 -25.98
C HIS A 265 9.75 -5.04 -25.13
N ALA A 266 9.68 -5.18 -23.82
CA ALA A 266 9.69 -4.03 -22.91
C ALA A 266 10.74 -4.25 -21.84
N VAL A 267 11.34 -3.16 -21.37
CA VAL A 267 12.26 -3.18 -20.24
C VAL A 267 11.90 -2.00 -19.35
N LEU A 268 11.33 -2.29 -18.18
CA LEU A 268 10.94 -1.25 -17.24
C LEU A 268 12.12 -0.93 -16.33
N VAL A 269 12.46 0.36 -16.25
CA VAL A 269 13.73 0.82 -15.68
C VAL A 269 13.43 1.73 -14.51
N HIS A 270 14.14 1.49 -13.41
CA HIS A 270 14.15 2.39 -12.25
C HIS A 270 15.58 2.83 -11.98
N SER A 271 15.79 4.14 -11.89
CA SER A 271 17.11 4.70 -11.62
C SER A 271 17.06 5.45 -10.30
N GLY A 272 18.05 5.22 -9.45
CA GLY A 272 18.15 5.93 -8.19
C GLY A 272 18.58 4.99 -7.09
N ASP A 273 18.32 5.43 -5.85
CA ASP A 273 18.73 4.67 -4.67
C ASP A 273 17.52 4.31 -3.81
N ASN A 274 17.72 4.28 -2.50
CA ASN A 274 16.63 3.93 -1.58
C ASN A 274 15.60 5.05 -1.45
N HIS A 275 15.95 6.26 -1.88
CA HIS A 275 15.06 7.41 -1.79
C HIS A 275 14.77 8.00 -3.16
N GLY A 276 15.79 8.41 -3.90
CA GLY A 276 15.57 8.91 -5.23
C GLY A 276 15.23 7.79 -6.19
N GLY A 277 14.29 8.07 -7.10
CA GLY A 277 13.86 7.07 -8.05
C GLY A 277 12.97 7.63 -9.14
N HIS A 278 13.25 7.25 -10.39
CA HIS A 278 12.41 7.63 -11.51
C HIS A 278 12.12 6.39 -12.34
N TYR A 279 10.88 6.29 -12.83
CA TYR A 279 10.40 5.11 -13.53
C TYR A 279 10.22 5.44 -15.02
N VAL A 280 11.07 4.84 -15.85
CA VAL A 280 11.03 4.99 -17.29
C VAL A 280 10.96 3.60 -17.90
N VAL A 281 10.38 3.51 -19.10
CA VAL A 281 10.29 2.24 -19.81
C VAL A 281 10.86 2.42 -21.21
N TYR A 282 11.53 1.38 -21.71
CA TYR A 282 11.96 1.31 -23.10
C TYR A 282 11.19 0.21 -23.81
N LEU A 283 10.81 0.47 -25.05
CA LEU A 283 9.99 -0.46 -25.83
C LEU A 283 10.41 -0.44 -27.28
N ASN A 284 10.38 -1.60 -27.93
CA ASN A 284 10.42 -1.68 -29.38
C ASN A 284 9.02 -2.05 -29.85
N PRO A 285 8.16 -1.07 -30.16
CA PRO A 285 6.77 -1.33 -30.52
C PRO A 285 6.54 -2.50 -31.47
N LYS A 286 6.93 -2.36 -32.73
CA LYS A 286 6.59 -3.36 -33.73
C LYS A 286 7.36 -4.67 -33.56
N GLY A 287 8.23 -4.79 -32.55
CA GLY A 287 9.06 -5.97 -32.44
C GLY A 287 10.22 -6.01 -33.41
N ASP A 288 10.54 -4.89 -34.03
CA ASP A 288 11.57 -4.82 -35.06
C ASP A 288 12.93 -4.39 -34.52
N GLY A 289 13.08 -4.23 -33.21
CA GLY A 289 14.32 -3.78 -32.65
C GLY A 289 14.55 -2.28 -32.72
N LYS A 290 13.53 -1.50 -33.08
CA LYS A 290 13.62 -0.05 -33.08
C LYS A 290 13.09 0.46 -31.75
N TRP A 291 13.99 0.92 -30.89
CA TRP A 291 13.67 1.22 -29.51
C TRP A 291 13.40 2.71 -29.29
N CYS A 292 12.54 2.99 -28.32
CA CYS A 292 12.26 4.34 -27.87
C CYS A 292 12.19 4.37 -26.36
N LYS A 293 12.53 5.52 -25.78
CA LYS A 293 12.45 5.74 -24.34
C LYS A 293 11.17 6.51 -24.03
N PHE A 294 10.35 5.98 -23.13
CA PHE A 294 9.08 6.57 -22.73
C PHE A 294 9.25 7.16 -21.33
N ASP A 295 9.70 8.41 -21.27
CA ASP A 295 9.86 9.14 -20.00
C ASP A 295 8.62 9.99 -19.78
N ASP A 296 7.59 9.34 -19.22
CA ASP A 296 6.30 10.00 -18.98
C ASP A 296 5.77 10.64 -20.26
N ASP A 297 5.82 11.97 -20.31
CA ASP A 297 5.30 12.73 -21.45
C ASP A 297 6.31 12.91 -22.57
N VAL A 298 7.57 12.56 -22.35
CA VAL A 298 8.63 12.72 -23.34
C VAL A 298 8.96 11.35 -23.91
N VAL A 299 8.61 11.15 -25.18
CA VAL A 299 8.96 9.94 -25.92
C VAL A 299 10.04 10.32 -26.93
N SER A 300 11.11 9.51 -26.98
CA SER A 300 12.24 9.83 -27.82
C SER A 300 12.86 8.53 -28.33
N ARG A 301 13.37 8.57 -29.55
CA ARG A 301 14.10 7.42 -30.09
C ARG A 301 15.40 7.24 -29.31
N CYS A 302 15.86 5.99 -29.25
CA CYS A 302 17.07 5.67 -28.50
C CYS A 302 17.77 4.49 -29.15
N THR A 303 19.05 4.35 -28.84
CA THR A 303 19.84 3.24 -29.34
C THR A 303 19.42 1.94 -28.65
N LYS A 304 19.65 0.82 -29.34
CA LYS A 304 19.33 -0.47 -28.75
C LYS A 304 20.21 -0.76 -27.54
N GLU A 305 21.42 -0.20 -27.52
CA GLU A 305 22.30 -0.40 -26.37
C GLU A 305 21.79 0.34 -25.14
N GLU A 306 21.25 1.54 -25.34
CA GLU A 306 20.72 2.29 -24.20
C GLU A 306 19.51 1.60 -23.58
N ALA A 307 18.75 0.87 -24.39
CA ALA A 307 17.56 0.18 -23.87
C ALA A 307 17.88 -1.17 -23.27
N ILE A 308 18.98 -1.80 -23.65
CA ILE A 308 19.29 -3.15 -23.18
C ILE A 308 20.53 -3.14 -22.29
N GLU A 309 21.70 -2.84 -22.87
CA GLU A 309 22.94 -3.05 -22.14
C GLU A 309 23.23 -1.96 -21.13
N HIS A 310 22.68 -0.75 -21.34
CA HIS A 310 22.85 0.33 -20.37
C HIS A 310 22.00 0.15 -19.12
N ASN A 311 21.05 -0.78 -19.14
CA ASN A 311 20.15 -1.02 -18.02
C ASN A 311 20.50 -2.28 -17.23
N TYR A 312 21.70 -2.82 -17.44
CA TYR A 312 22.14 -3.96 -16.63
C TYR A 312 22.50 -3.53 -15.21
N GLY A 313 22.99 -2.30 -15.04
CA GLY A 313 23.41 -1.83 -13.74
C GLY A 313 24.89 -2.05 -13.49
N GLY A 314 25.31 -1.66 -12.29
CA GLY A 314 26.70 -1.82 -11.89
C GLY A 314 27.28 -0.58 -11.25
N CYS A 324 22.30 4.64 -9.52
CA CYS A 324 22.58 3.77 -10.65
C CYS A 324 21.29 3.45 -11.40
N THR A 325 21.42 3.19 -12.70
CA THR A 325 20.29 2.95 -13.59
C THR A 325 20.24 1.47 -13.95
N ASN A 326 19.07 0.85 -13.77
CA ASN A 326 18.92 -0.57 -14.05
C ASN A 326 17.45 -0.92 -14.14
N ALA A 327 17.17 -2.10 -14.69
CA ALA A 327 15.82 -2.55 -14.97
C ALA A 327 15.26 -3.36 -13.81
N TYR A 328 13.94 -3.25 -13.62
CA TYR A 328 13.25 -4.00 -12.59
C TYR A 328 12.17 -4.93 -13.13
N MET A 329 11.75 -4.76 -14.39
CA MET A 329 10.76 -5.65 -14.98
C MET A 329 11.08 -5.83 -16.46
N LEU A 330 10.76 -7.01 -16.99
CA LEU A 330 11.04 -7.36 -18.37
C LEU A 330 9.83 -8.06 -18.96
N VAL A 331 9.50 -7.71 -20.20
CA VAL A 331 8.39 -8.32 -20.92
C VAL A 331 8.95 -8.98 -22.17
N TYR A 332 8.72 -10.29 -22.29
CA TYR A 332 9.11 -11.06 -23.46
C TYR A 332 7.86 -11.56 -24.18
N ILE A 333 7.99 -11.80 -25.48
CA ILE A 333 6.90 -12.32 -26.30
C ILE A 333 7.43 -13.50 -27.11
N ARG A 334 6.67 -14.59 -27.12
CA ARG A 334 7.06 -15.78 -27.86
C ARG A 334 7.20 -15.47 -29.34
N GLU A 335 8.27 -15.96 -29.95
CA GLU A 335 8.51 -15.69 -31.37
C GLU A 335 7.42 -16.31 -32.25
N SER A 336 6.90 -17.48 -31.84
CA SER A 336 5.85 -18.12 -32.63
C SER A 336 4.56 -17.31 -32.60
N LYS A 337 4.17 -16.83 -31.42
CA LYS A 337 2.98 -16.01 -31.27
C LYS A 337 3.28 -14.52 -31.44
N LEU A 338 4.47 -14.16 -31.91
CA LEU A 338 4.86 -12.76 -32.00
C LEU A 338 3.94 -11.98 -32.93
N SER A 339 3.63 -12.56 -34.09
CA SER A 339 2.88 -11.82 -35.11
C SER A 339 1.46 -11.50 -34.67
N GLU A 340 0.79 -12.46 -34.03
CA GLU A 340 -0.60 -12.23 -33.62
C GLU A 340 -0.70 -11.41 -32.34
N VAL A 341 0.33 -11.42 -31.49
CA VAL A 341 0.30 -10.59 -30.30
C VAL A 341 0.55 -9.13 -30.66
N LEU A 342 1.45 -8.89 -31.61
CA LEU A 342 1.77 -7.55 -32.09
C LEU A 342 1.11 -7.26 -33.44
N GLN A 343 -0.12 -7.72 -33.63
CA GLN A 343 -0.85 -7.44 -34.86
C GLN A 343 -1.22 -5.97 -34.92
N ALA A 344 -1.19 -5.41 -36.13
CA ALA A 344 -1.51 -3.99 -36.31
C ALA A 344 -2.94 -3.70 -35.87
N VAL A 345 -3.11 -2.59 -35.15
CA VAL A 345 -4.41 -2.14 -34.67
C VAL A 345 -4.77 -0.87 -35.43
N THR A 346 -5.88 -0.93 -36.16
CA THR A 346 -6.37 0.22 -36.93
C THR A 346 -7.58 0.83 -36.24
N ASP A 347 -8.01 1.98 -36.78
CA ASP A 347 -9.17 2.67 -36.22
C ASP A 347 -10.45 1.86 -36.36
N HIS A 348 -10.51 1.00 -37.38
CA HIS A 348 -11.69 0.14 -37.56
C HIS A 348 -11.81 -0.90 -36.46
N ASP A 349 -10.72 -1.19 -35.74
CA ASP A 349 -10.79 -2.15 -34.64
C ASP A 349 -11.55 -1.60 -33.44
N ILE A 350 -11.72 -0.28 -33.35
CA ILE A 350 -12.39 0.34 -32.21
C ILE A 350 -13.88 0.40 -32.52
N PRO A 351 -14.75 -0.18 -31.70
CA PRO A 351 -16.19 -0.14 -32.00
C PRO A 351 -16.71 1.29 -32.01
N GLN A 352 -17.66 1.53 -32.93
CA GLN A 352 -18.19 2.88 -33.13
C GLN A 352 -19.03 3.34 -31.95
N GLN A 353 -19.73 2.42 -31.27
CA GLN A 353 -20.46 2.80 -30.07
C GLN A 353 -19.51 3.26 -28.97
N LEU A 354 -18.39 2.56 -28.82
CA LEU A 354 -17.34 3.03 -27.93
C LEU A 354 -16.81 4.37 -28.40
N VAL A 355 -16.47 4.47 -29.68
CA VAL A 355 -15.91 5.69 -30.27
C VAL A 355 -16.82 6.88 -29.98
N GLU A 356 -18.11 6.75 -30.33
CA GLU A 356 -19.05 7.84 -30.13
C GLU A 356 -19.17 8.23 -28.66
N ARG A 357 -18.94 7.28 -27.75
CA ARG A 357 -19.06 7.57 -26.33
C ARG A 357 -17.82 8.30 -25.81
N LEU A 358 -16.64 7.96 -26.31
CA LEU A 358 -15.43 8.65 -25.90
C LEU A 358 -15.38 10.06 -26.49
N GLN A 359 -15.74 10.19 -27.77
CA GLN A 359 -15.78 11.50 -28.39
C GLN A 359 -16.93 12.33 -27.85
N GLU A 360 -17.98 11.67 -27.36
CA GLU A 360 -18.93 12.35 -26.50
C GLU A 360 -18.14 13.03 -25.37
N GLU A 361 -17.64 12.24 -24.43
CA GLU A 361 -16.89 12.72 -23.27
C GLU A 361 -15.90 13.82 -23.58
N LYS A 362 -15.22 13.74 -24.74
CA LYS A 362 -14.25 14.77 -25.11
C LYS A 362 -14.93 16.12 -25.33
N ARG A 363 -16.13 16.12 -25.91
CA ARG A 363 -16.85 17.35 -26.16
C ARG A 363 -17.33 18.02 -24.88
N ILE A 364 -17.70 17.24 -23.85
CA ILE A 364 -18.15 17.86 -22.60
C ILE A 364 -16.99 18.41 -21.78
N GLU A 365 -15.78 17.90 -21.99
CA GLU A 365 -14.62 18.47 -21.30
C GLU A 365 -14.38 19.90 -21.72
N ALA A 366 -14.55 20.19 -23.02
CA ALA A 366 -14.35 21.55 -23.54
C ALA A 366 -15.57 22.42 -23.26
N LYS B 23 27.44 10.79 12.47
CA LYS B 23 28.51 9.87 12.83
C LYS B 23 29.87 10.35 12.30
N HIS B 24 30.20 9.91 11.08
CA HIS B 24 31.52 10.21 10.53
C HIS B 24 31.68 11.66 10.12
N THR B 25 30.58 12.38 9.91
CA THR B 25 30.62 13.81 9.64
C THR B 25 30.33 14.64 10.89
N GLY B 26 29.99 14.00 12.01
CA GLY B 26 29.53 14.70 13.19
C GLY B 26 28.08 15.06 13.17
N TYR B 27 27.39 14.93 12.04
CA TYR B 27 25.97 15.21 11.91
C TYR B 27 25.24 13.94 11.50
N VAL B 28 23.97 13.86 11.89
CA VAL B 28 23.16 12.68 11.62
C VAL B 28 22.00 13.08 10.71
N GLY B 29 21.44 12.08 10.02
CA GLY B 29 20.42 12.31 9.03
C GLY B 29 19.01 12.05 9.54
N LEU B 30 18.06 12.15 8.62
CA LEU B 30 16.64 11.97 8.89
C LEU B 30 16.13 10.77 8.11
N LYS B 31 15.41 9.88 8.79
CA LYS B 31 14.86 8.70 8.13
C LYS B 31 13.94 9.10 6.98
N ASN B 32 13.94 8.27 5.94
CA ASN B 32 13.03 8.48 4.81
C ASN B 32 11.75 7.67 5.03
N GLN B 33 10.98 8.15 6.00
CA GLN B 33 9.72 7.51 6.37
C GLN B 33 8.63 7.97 5.41
N GLY B 34 8.19 7.07 4.54
CA GLY B 34 7.21 7.44 3.54
C GLY B 34 7.84 8.37 2.52
N ALA B 35 7.15 9.47 2.24
CA ALA B 35 7.65 10.48 1.32
C ALA B 35 7.19 11.84 1.82
N THR B 36 8.13 12.66 2.28
CA THR B 36 7.84 13.97 2.83
C THR B 36 8.44 15.10 2.00
N CYS B 37 9.07 14.77 0.87
CA CYS B 37 9.57 15.75 -0.10
C CYS B 37 10.60 16.63 0.59
N TYR B 38 10.48 17.96 0.50
CA TYR B 38 11.41 18.96 1.02
C TYR B 38 11.48 18.99 2.54
N MET B 39 10.68 18.20 3.26
CA MET B 39 10.57 18.36 4.70
C MET B 39 11.90 18.09 5.39
N ASN B 40 12.56 16.98 5.02
CA ASN B 40 13.83 16.65 5.65
C ASN B 40 14.87 17.73 5.37
N SER B 41 14.84 18.32 4.17
CA SER B 41 15.79 19.38 3.85
C SER B 41 15.52 20.63 4.68
N LEU B 42 14.24 20.95 4.90
CA LEU B 42 13.91 22.13 5.69
C LEU B 42 14.19 21.92 7.18
N LEU B 43 14.01 20.70 7.67
CA LEU B 43 14.26 20.45 9.10
C LEU B 43 15.74 20.58 9.43
N GLN B 44 16.62 20.12 8.54
CA GLN B 44 18.05 20.29 8.76
C GLN B 44 18.45 21.77 8.73
N THR B 45 17.86 22.54 7.82
CA THR B 45 18.15 23.97 7.74
C THR B 45 17.75 24.68 9.01
N LEU B 46 16.54 24.40 9.52
CA LEU B 46 16.09 25.02 10.76
C LEU B 46 16.91 24.53 11.95
N PHE B 47 17.28 23.24 11.94
CA PHE B 47 18.04 22.70 13.06
C PHE B 47 19.41 23.37 13.18
N PHE B 48 20.02 23.71 12.04
CA PHE B 48 21.33 24.34 12.04
C PHE B 48 21.23 25.86 12.15
N THR B 49 20.02 26.41 12.31
CA THR B 49 19.85 27.79 12.76
C THR B 49 19.96 27.75 14.28
N ASN B 50 21.20 27.80 14.77
CA ASN B 50 21.49 27.43 16.15
C ASN B 50 20.78 28.33 17.15
N GLN B 51 20.60 29.61 16.84
CA GLN B 51 19.88 30.49 17.76
C GLN B 51 18.40 30.11 17.82
N LEU B 52 17.83 29.76 16.66
CA LEU B 52 16.49 29.18 16.66
C LEU B 52 16.47 27.87 17.43
N ARG B 53 17.52 27.06 17.29
CA ARG B 53 17.56 25.76 17.96
C ARG B 53 17.73 25.92 19.47
N LYS B 54 18.30 27.03 19.93
CA LYS B 54 18.36 27.28 21.37
C LYS B 54 17.01 27.70 21.90
N ALA B 55 16.29 28.54 21.15
CA ALA B 55 15.00 29.04 21.61
C ALA B 55 13.94 27.95 21.62
N VAL B 56 13.99 27.05 20.63
CA VAL B 56 13.02 25.95 20.60
C VAL B 56 13.17 25.07 21.84
N TYR B 57 14.42 24.86 22.29
CA TYR B 57 14.63 24.09 23.51
C TYR B 57 14.04 24.77 24.75
N MET B 58 13.81 26.08 24.70
CA MET B 58 13.38 26.84 25.86
C MET B 58 11.86 26.90 26.03
N MET B 59 11.09 26.40 25.07
CA MET B 59 9.64 26.57 25.11
C MET B 59 9.03 25.74 26.24
N PRO B 60 8.08 26.30 26.99
CA PRO B 60 7.44 25.59 28.12
C PRO B 60 6.42 24.55 27.66
N THR B 61 6.92 23.36 27.33
CA THR B 61 6.11 22.29 26.78
C THR B 61 5.88 21.16 27.78
N GLU B 62 6.07 21.43 29.07
CA GLU B 62 5.92 20.37 30.07
C GLU B 62 4.49 19.83 30.09
N GLY B 63 3.50 20.71 29.96
CA GLY B 63 2.12 20.30 29.98
C GLY B 63 1.52 19.99 28.62
N ASP B 64 2.30 20.02 27.56
CA ASP B 64 1.77 19.79 26.22
C ASP B 64 1.40 18.31 26.04
N ASP B 65 0.50 18.07 25.09
CA ASP B 65 0.11 16.72 24.71
C ASP B 65 1.02 16.24 23.58
N SER B 66 1.78 15.16 23.85
CA SER B 66 2.73 14.66 22.86
C SER B 66 2.06 14.22 21.57
N SER B 67 0.75 13.94 21.60
CA SER B 67 0.06 13.49 20.40
C SER B 67 -0.26 14.62 19.43
N LYS B 68 -0.28 15.87 19.90
CA LYS B 68 -0.71 16.98 19.05
C LYS B 68 0.17 18.22 19.16
N SER B 69 1.19 18.24 20.02
CA SER B 69 2.00 19.44 20.23
C SER B 69 3.07 19.53 19.15
N VAL B 70 2.87 20.48 18.21
CA VAL B 70 3.91 20.75 17.22
C VAL B 70 5.18 21.30 17.85
N PRO B 71 5.13 22.26 18.79
CA PRO B 71 6.38 22.69 19.44
C PRO B 71 7.13 21.57 20.14
N LEU B 72 6.42 20.65 20.80
CA LEU B 72 7.10 19.53 21.45
C LEU B 72 7.68 18.57 20.42
N ALA B 73 6.94 18.33 19.33
CA ALA B 73 7.43 17.42 18.30
C ALA B 73 8.69 17.97 17.64
N LEU B 74 8.75 19.28 17.41
CA LEU B 74 9.95 19.87 16.85
C LEU B 74 11.10 19.86 17.85
N GLN B 75 10.79 19.99 19.14
CA GLN B 75 11.82 19.81 20.16
C GLN B 75 12.38 18.40 20.12
N ARG B 76 11.52 17.40 19.87
CA ARG B 76 11.99 16.03 19.80
C ARG B 76 12.95 15.83 18.64
N VAL B 77 12.55 16.28 17.44
CA VAL B 77 13.40 16.10 16.26
C VAL B 77 14.74 16.78 16.46
N PHE B 78 14.74 18.01 16.99
CA PHE B 78 16.00 18.72 17.20
C PHE B 78 16.87 18.01 18.23
N TYR B 79 16.25 17.50 19.29
CA TYR B 79 17.02 16.78 20.30
C TYR B 79 17.62 15.50 19.75
N GLU B 80 16.87 14.76 18.93
CA GLU B 80 17.41 13.54 18.35
C GLU B 80 18.48 13.82 17.31
N LEU B 81 18.36 14.93 16.59
CA LEU B 81 19.41 15.31 15.65
C LEU B 81 20.71 15.59 16.37
N GLN B 82 20.63 16.16 17.58
CA GLN B 82 21.82 16.57 18.32
C GLN B 82 22.51 15.41 19.02
N HIS B 83 21.81 14.29 19.23
CA HIS B 83 22.35 13.21 20.05
C HIS B 83 22.45 11.87 19.34
N SER B 84 21.50 11.55 18.47
CA SER B 84 21.41 10.18 17.95
C SER B 84 22.54 9.87 16.98
N ASP B 85 23.09 8.67 17.10
CA ASP B 85 24.04 8.15 16.12
C ASP B 85 23.33 7.55 14.91
N LYS B 86 22.05 7.21 15.04
CA LYS B 86 21.23 6.61 14.01
C LYS B 86 20.30 7.65 13.40
N PRO B 87 19.79 7.41 12.19
CA PRO B 87 18.89 8.37 11.56
C PRO B 87 17.66 8.65 12.42
N VAL B 88 17.15 9.88 12.31
CA VAL B 88 16.10 10.39 13.18
C VAL B 88 14.77 10.37 12.44
N GLY B 89 13.74 9.85 13.11
CA GLY B 89 12.42 9.77 12.52
C GLY B 89 11.57 11.00 12.78
N THR B 90 10.66 11.27 11.85
CA THR B 90 9.78 12.43 11.91
C THR B 90 8.31 12.03 11.94
N LYS B 91 8.00 10.81 12.39
CA LYS B 91 6.61 10.34 12.37
C LYS B 91 5.73 11.17 13.29
N LYS B 92 6.19 11.40 14.52
CA LYS B 92 5.41 12.21 15.45
C LYS B 92 5.31 13.66 15.02
N LEU B 93 6.32 14.17 14.33
CA LEU B 93 6.27 15.56 13.86
C LEU B 93 5.23 15.72 12.76
N THR B 94 5.27 14.86 11.74
CA THR B 94 4.28 14.93 10.67
C THR B 94 2.87 14.75 11.22
N LYS B 95 2.72 13.95 12.28
CA LYS B 95 1.40 13.79 12.88
C LYS B 95 0.92 15.04 13.57
N SER B 96 1.84 15.79 14.18
CA SER B 96 1.45 16.90 15.05
C SER B 96 0.83 18.04 14.26
N PHE B 97 1.40 18.39 13.11
CA PHE B 97 0.81 19.43 12.27
C PHE B 97 -0.02 18.85 11.12
N GLY B 98 -0.35 17.57 11.18
CA GLY B 98 -1.39 17.01 10.33
C GLY B 98 -1.04 16.78 8.88
N TRP B 99 0.25 16.71 8.54
CA TRP B 99 0.68 16.37 7.19
C TRP B 99 1.02 14.88 7.19
N GLU B 100 0.06 14.09 6.74
CA GLU B 100 0.03 12.64 6.89
C GLU B 100 0.42 11.89 5.64
N THR B 101 0.11 12.46 4.48
CA THR B 101 0.22 11.77 3.21
C THR B 101 1.05 12.61 2.26
N LEU B 102 1.50 11.96 1.18
CA LEU B 102 2.17 12.69 0.12
C LEU B 102 1.25 13.74 -0.49
N ASP B 103 -0.07 13.56 -0.38
CA ASP B 103 -1.00 14.60 -0.79
C ASP B 103 -0.74 15.90 -0.04
N SER B 104 -0.37 15.79 1.24
CA SER B 104 -0.17 16.99 2.05
C SER B 104 1.06 17.77 1.61
N PHE B 105 2.11 17.08 1.20
CA PHE B 105 3.36 17.75 0.85
C PHE B 105 3.39 18.23 -0.59
N MET B 106 2.89 17.41 -1.52
CA MET B 106 2.92 17.80 -2.92
C MET B 106 1.94 18.92 -3.24
N GLN B 107 0.97 19.16 -2.38
CA GLN B 107 0.02 20.26 -2.54
C GLN B 107 0.42 21.49 -1.76
N HIS B 108 1.66 21.55 -1.27
CA HIS B 108 2.20 22.72 -0.62
C HIS B 108 3.60 22.98 -1.12
N ASP B 109 4.09 24.19 -0.85
CA ASP B 109 5.42 24.60 -1.25
C ASP B 109 6.30 24.77 0.00
N VAL B 110 7.61 24.85 -0.22
CA VAL B 110 8.56 24.72 0.89
C VAL B 110 8.37 25.85 1.91
N GLN B 111 8.10 27.07 1.44
CA GLN B 111 7.94 28.17 2.38
C GLN B 111 6.64 28.06 3.17
N GLU B 112 5.62 27.42 2.60
CA GLU B 112 4.35 27.27 3.31
C GLU B 112 4.51 26.34 4.51
N LEU B 113 5.31 25.29 4.37
CA LEU B 113 5.57 24.41 5.50
C LEU B 113 6.45 25.10 6.53
N CYS B 114 7.45 25.87 6.07
CA CYS B 114 8.31 26.60 6.99
C CYS B 114 7.51 27.59 7.82
N ARG B 115 6.52 28.24 7.22
CA ARG B 115 5.69 29.17 7.96
C ARG B 115 4.84 28.45 8.99
N VAL B 116 4.43 27.21 8.71
CA VAL B 116 3.64 26.46 9.68
C VAL B 116 4.48 26.11 10.90
N LEU B 117 5.70 25.62 10.68
CA LEU B 117 6.59 25.31 11.81
C LEU B 117 6.96 26.56 12.59
N LEU B 118 7.28 27.65 11.89
CA LEU B 118 7.74 28.85 12.57
C LEU B 118 6.60 29.58 13.27
N ASP B 119 5.37 29.49 12.75
CA ASP B 119 4.24 30.09 13.45
C ASP B 119 3.94 29.33 14.74
N ASN B 120 4.04 28.00 14.71
CA ASN B 120 3.75 27.20 15.89
C ASN B 120 4.69 27.54 17.03
N VAL B 121 6.00 27.55 16.76
CA VAL B 121 6.95 27.88 17.81
C VAL B 121 6.83 29.35 18.21
N GLU B 122 6.46 30.23 17.28
CA GLU B 122 6.30 31.64 17.61
C GLU B 122 5.18 31.85 18.63
N ASN B 123 4.04 31.19 18.42
CA ASN B 123 2.94 31.30 19.36
C ASN B 123 3.28 30.66 20.70
N LYS B 124 4.10 29.60 20.69
CA LYS B 124 4.47 28.95 21.94
C LYS B 124 5.43 29.80 22.75
N MET B 125 6.34 30.52 22.08
CA MET B 125 7.28 31.38 22.78
C MET B 125 6.64 32.66 23.29
N LYS B 126 5.41 32.97 22.87
CA LYS B 126 4.72 34.16 23.34
C LYS B 126 4.47 34.07 24.84
N GLY B 127 4.86 35.12 25.56
CA GLY B 127 4.73 35.14 27.00
C GLY B 127 5.89 34.53 27.76
N THR B 128 6.93 34.09 27.07
CA THR B 128 8.10 33.47 27.69
C THR B 128 9.31 34.39 27.53
N CYS B 129 10.45 33.92 28.04
CA CYS B 129 11.68 34.70 27.98
C CYS B 129 12.23 34.80 26.56
N VAL B 130 11.88 33.86 25.68
CA VAL B 130 12.40 33.86 24.32
C VAL B 130 11.32 34.30 23.33
N GLU B 131 10.39 35.14 23.80
CA GLU B 131 9.38 35.69 22.90
C GLU B 131 10.04 36.58 21.86
N GLY B 132 9.58 36.45 20.61
CA GLY B 132 10.08 37.28 19.54
C GLY B 132 11.35 36.79 18.87
N THR B 133 11.75 35.55 19.12
CA THR B 133 12.94 35.02 18.47
C THR B 133 12.71 34.75 16.99
N ILE B 134 11.49 34.34 16.62
CA ILE B 134 11.16 34.04 15.23
C ILE B 134 11.25 35.30 14.38
N PRO B 135 10.61 36.42 14.75
CA PRO B 135 10.75 37.62 13.92
C PRO B 135 12.13 38.25 14.01
N LYS B 136 12.83 38.07 15.13
CA LYS B 136 14.17 38.63 15.25
C LYS B 136 15.14 37.98 14.27
N LEU B 137 14.87 36.75 13.84
CA LEU B 137 15.76 36.01 12.97
C LEU B 137 15.33 36.03 11.51
N PHE B 138 14.02 35.97 11.23
CA PHE B 138 13.54 35.75 9.88
C PHE B 138 12.74 36.92 9.30
N ARG B 139 12.37 37.91 10.09
CA ARG B 139 11.47 38.96 9.63
C ARG B 139 12.25 40.18 9.15
N GLY B 140 11.81 40.73 8.01
CA GLY B 140 12.36 41.96 7.49
C GLY B 140 11.25 42.93 7.15
N LYS B 141 11.64 44.17 6.87
CA LYS B 141 10.70 45.24 6.56
C LYS B 141 10.84 45.65 5.10
N MET B 142 9.70 46.03 4.51
CA MET B 142 9.61 46.24 3.07
C MET B 142 8.46 47.19 2.77
N VAL B 143 8.65 48.06 1.79
CA VAL B 143 7.64 49.06 1.41
C VAL B 143 7.32 48.90 -0.06
N SER B 144 6.03 48.75 -0.37
CA SER B 144 5.53 48.78 -1.74
C SER B 144 4.83 50.13 -1.96
N TYR B 145 5.13 50.77 -3.09
CA TYR B 145 4.64 52.10 -3.38
C TYR B 145 3.87 52.12 -4.68
N ILE B 146 3.08 53.19 -4.86
CA ILE B 146 2.39 53.50 -6.10
C ILE B 146 2.52 55.00 -6.32
N GLN B 147 3.30 55.39 -7.31
CA GLN B 147 3.62 56.80 -7.56
C GLN B 147 2.92 57.26 -8.83
N CYS B 148 2.01 58.22 -8.68
CA CYS B 148 1.30 58.77 -9.84
C CYS B 148 2.24 59.60 -10.69
N LYS B 149 2.10 59.47 -12.01
CA LYS B 149 2.99 60.16 -12.95
C LYS B 149 2.63 61.64 -13.07
N GLU B 150 1.36 61.94 -13.33
CA GLU B 150 0.95 63.32 -13.59
C GLU B 150 0.77 64.10 -12.29
N VAL B 151 -0.13 63.63 -11.42
CA VAL B 151 -0.38 64.31 -10.16
C VAL B 151 0.67 63.89 -9.13
N ASP B 152 0.75 64.66 -8.05
CA ASP B 152 1.74 64.43 -6.99
C ASP B 152 1.09 63.70 -5.82
N TYR B 153 0.68 62.46 -6.10
CA TYR B 153 0.12 61.56 -5.11
C TYR B 153 0.96 60.29 -5.05
N ARG B 154 1.13 59.74 -3.86
CA ARG B 154 1.89 58.51 -3.69
C ARG B 154 1.29 57.71 -2.54
N SER B 155 1.11 56.40 -2.76
CA SER B 155 0.57 55.49 -1.75
C SER B 155 1.69 54.61 -1.23
N ASP B 156 2.18 54.92 -0.03
CA ASP B 156 3.19 54.10 0.62
C ASP B 156 2.53 53.04 1.49
N ARG B 157 3.10 51.85 1.48
CA ARG B 157 2.50 50.70 2.16
C ARG B 157 3.64 49.80 2.65
N ARG B 158 3.82 49.74 3.97
CA ARG B 158 4.89 48.94 4.56
C ARG B 158 4.31 47.62 5.08
N GLU B 159 5.06 46.55 4.85
CA GLU B 159 4.64 45.22 5.27
C GLU B 159 5.87 44.38 5.59
N ASP B 160 5.65 43.35 6.41
CA ASP B 160 6.73 42.46 6.82
C ASP B 160 6.80 41.23 5.92
N TYR B 161 7.99 40.66 5.83
CA TYR B 161 8.21 39.44 5.07
C TYR B 161 9.12 38.51 5.87
N TYR B 162 8.88 37.21 5.73
CA TYR B 162 9.70 36.19 6.38
C TYR B 162 10.48 35.38 5.38
N ASP B 163 10.33 35.67 4.09
CA ASP B 163 10.94 34.93 2.99
C ASP B 163 10.71 35.71 1.71
N ILE B 164 11.55 35.45 0.72
CA ILE B 164 11.58 36.24 -0.51
C ILE B 164 11.50 35.29 -1.70
N GLN B 165 10.58 35.58 -2.61
CA GLN B 165 10.31 34.75 -3.78
C GLN B 165 10.96 35.41 -5.00
N LEU B 166 11.95 34.74 -5.58
CA LEU B 166 12.79 35.32 -6.61
C LEU B 166 12.52 34.66 -7.95
N SER B 167 12.43 35.48 -9.00
CA SER B 167 12.21 34.99 -10.35
C SER B 167 13.56 34.65 -10.99
N ILE B 168 13.57 33.56 -11.74
CA ILE B 168 14.83 33.04 -12.30
C ILE B 168 14.78 33.02 -13.82
N LYS B 169 13.57 32.92 -14.39
CA LYS B 169 13.40 32.80 -15.83
C LYS B 169 13.93 34.04 -16.54
N GLY B 170 15.04 33.89 -17.26
CA GLY B 170 15.67 35.00 -17.93
C GLY B 170 16.61 35.83 -17.07
N LYS B 171 16.99 35.31 -15.91
CA LYS B 171 17.88 36.01 -14.99
C LYS B 171 19.16 35.20 -14.84
N LYS B 172 20.30 35.83 -15.14
CA LYS B 172 21.56 35.11 -15.13
C LYS B 172 21.97 34.69 -13.73
N ASN B 173 21.74 35.56 -12.74
CA ASN B 173 22.16 35.28 -11.38
C ASN B 173 21.21 35.97 -10.41
N ILE B 174 21.48 35.80 -9.11
CA ILE B 174 20.62 36.34 -8.07
C ILE B 174 20.67 37.87 -8.04
N PHE B 175 21.76 38.47 -8.54
CA PHE B 175 21.82 39.92 -8.60
C PHE B 175 20.81 40.48 -9.60
N GLU B 176 20.71 39.84 -10.77
CA GLU B 176 19.67 40.23 -11.72
C GLU B 176 18.28 39.91 -11.20
N SER B 177 18.17 38.93 -10.29
CA SER B 177 16.87 38.57 -9.74
C SER B 177 16.36 39.63 -8.79
N PHE B 178 17.24 40.18 -7.95
CA PHE B 178 16.82 41.26 -7.06
C PHE B 178 16.47 42.52 -7.84
N VAL B 179 17.17 42.78 -8.96
CA VAL B 179 16.84 43.93 -9.78
C VAL B 179 15.44 43.80 -10.34
N ASP B 180 15.06 42.60 -10.78
CA ASP B 180 13.71 42.37 -11.26
C ASP B 180 12.68 42.52 -10.14
N TYR B 181 13.07 42.20 -8.91
CA TYR B 181 12.16 42.31 -7.77
C TYR B 181 11.90 43.77 -7.43
N VAL B 182 12.94 44.61 -7.50
CA VAL B 182 12.83 46.02 -7.12
C VAL B 182 12.39 46.91 -8.28
N ALA B 183 12.29 46.36 -9.49
CA ALA B 183 12.00 47.16 -10.68
C ALA B 183 10.62 47.79 -10.60
N VAL B 184 10.45 48.90 -11.31
CA VAL B 184 9.18 49.62 -11.33
C VAL B 184 8.30 49.05 -12.42
N GLU B 185 7.00 48.96 -12.13
CA GLU B 185 5.99 48.50 -13.08
C GLU B 185 5.10 49.68 -13.48
N GLN B 186 4.81 49.78 -14.77
CA GLN B 186 3.98 50.86 -15.30
C GLN B 186 2.51 50.46 -15.20
N LEU B 187 1.76 51.15 -14.35
CA LEU B 187 0.31 51.03 -14.31
C LEU B 187 -0.26 52.10 -15.25
N ASP B 188 -0.35 51.77 -16.53
CA ASP B 188 -0.89 52.68 -17.55
C ASP B 188 -1.95 51.96 -18.36
N GLY B 189 -2.51 52.68 -19.32
CA GLY B 189 -3.49 52.08 -20.22
C GLY B 189 -4.73 51.61 -19.49
N ASP B 190 -5.15 50.38 -19.80
CA ASP B 190 -6.29 49.79 -19.10
C ASP B 190 -6.03 49.70 -17.60
N ASN B 191 -4.79 49.44 -17.21
CA ASN B 191 -4.41 49.31 -15.81
C ASN B 191 -3.94 50.66 -15.25
N LYS B 192 -4.86 51.62 -15.25
CA LYS B 192 -4.58 52.86 -14.55
C LYS B 192 -4.87 52.68 -13.07
N TYR B 193 -4.13 53.42 -12.24
CA TYR B 193 -4.25 53.31 -10.80
C TYR B 193 -5.40 54.18 -10.30
N ASP B 194 -6.21 53.60 -9.42
CA ASP B 194 -7.32 54.31 -8.78
C ASP B 194 -6.73 55.24 -7.72
N ALA B 195 -6.67 56.53 -8.04
CA ALA B 195 -6.12 57.53 -7.14
C ALA B 195 -7.20 58.27 -6.36
N GLY B 196 -8.37 57.67 -6.18
CA GLY B 196 -9.43 58.26 -5.40
C GLY B 196 -9.97 59.55 -5.98
N GLU B 197 -9.70 60.67 -5.31
CA GLU B 197 -10.17 61.97 -5.79
C GLU B 197 -9.52 62.33 -7.12
N HIS B 198 -8.25 61.96 -7.31
CA HIS B 198 -7.54 62.28 -8.55
C HIS B 198 -8.02 61.46 -9.72
N GLY B 199 -8.88 60.46 -9.50
CA GLY B 199 -9.37 59.62 -10.58
C GLY B 199 -8.33 58.63 -11.06
N LEU B 200 -8.69 57.90 -12.11
CA LEU B 200 -7.77 56.93 -12.70
C LEU B 200 -6.57 57.66 -13.28
N GLN B 201 -5.37 57.22 -12.86
CA GLN B 201 -4.13 57.92 -13.21
C GLN B 201 -3.06 56.91 -13.57
N GLU B 202 -2.28 57.22 -14.61
CA GLU B 202 -1.10 56.43 -14.93
C GLU B 202 -0.08 56.58 -13.81
N ALA B 203 0.39 55.45 -13.28
CA ALA B 203 1.27 55.46 -12.12
C ALA B 203 2.36 54.42 -12.31
N GLU B 204 3.21 54.28 -11.29
CA GLU B 204 4.28 53.30 -11.25
C GLU B 204 4.24 52.57 -9.91
N LYS B 205 4.26 51.25 -9.96
CA LYS B 205 4.24 50.40 -8.77
C LYS B 205 5.59 49.72 -8.60
N GLY B 206 6.14 49.79 -7.39
CA GLY B 206 7.41 49.15 -7.10
C GLY B 206 7.52 48.78 -5.64
N VAL B 207 8.59 48.07 -5.32
CA VAL B 207 8.88 47.62 -3.96
C VAL B 207 10.31 48.00 -3.62
N LYS B 208 10.55 48.26 -2.33
CA LYS B 208 11.87 48.64 -1.85
C LYS B 208 12.10 48.04 -0.48
N PHE B 209 13.32 47.58 -0.22
CA PHE B 209 13.67 46.93 1.03
C PHE B 209 14.11 47.96 2.06
N LEU B 210 13.50 47.90 3.25
CA LEU B 210 13.89 48.74 4.37
C LEU B 210 14.94 48.06 5.23
N THR B 211 14.65 46.87 5.72
CA THR B 211 15.58 46.07 6.50
C THR B 211 15.63 44.66 5.93
N LEU B 212 16.76 43.99 6.16
CA LEU B 212 16.93 42.60 5.77
C LEU B 212 17.21 41.75 7.00
N PRO B 213 16.49 40.64 7.19
CA PRO B 213 16.62 39.88 8.44
C PRO B 213 17.98 39.21 8.56
N PRO B 214 18.36 38.80 9.77
CA PRO B 214 19.66 38.12 9.93
C PRO B 214 19.75 36.81 9.18
N VAL B 215 18.69 36.00 9.21
CA VAL B 215 18.60 34.77 8.41
C VAL B 215 17.63 35.05 7.26
N LEU B 216 18.09 34.82 6.04
CA LEU B 216 17.39 35.22 4.83
C LEU B 216 16.98 33.96 4.06
N HIS B 217 15.67 33.73 3.97
CA HIS B 217 15.12 32.60 3.22
C HIS B 217 14.74 33.07 1.82
N LEU B 218 15.44 32.54 0.81
CA LEU B 218 15.22 32.91 -0.58
C LEU B 218 14.80 31.69 -1.37
N GLN B 219 13.57 31.71 -1.88
CA GLN B 219 13.04 30.59 -2.65
C GLN B 219 12.95 30.99 -4.12
N LEU B 220 13.60 30.22 -4.98
CA LEU B 220 13.65 30.50 -6.41
C LEU B 220 12.47 29.84 -7.11
N MET B 221 11.81 30.59 -7.98
CA MET B 221 10.62 30.11 -8.68
C MET B 221 11.06 29.22 -9.84
N ARG B 222 11.34 27.95 -9.51
CA ARG B 222 11.77 26.97 -10.48
C ARG B 222 10.63 26.17 -11.08
N PHE B 223 9.38 26.47 -10.73
CA PHE B 223 8.23 25.76 -11.29
C PHE B 223 7.21 26.77 -11.79
N MET B 224 6.49 26.38 -12.83
CA MET B 224 5.48 27.23 -13.45
C MET B 224 4.35 26.36 -13.94
N TYR B 225 3.11 26.77 -13.67
CA TYR B 225 1.92 26.04 -14.09
C TYR B 225 1.29 26.78 -15.27
N ASP B 226 1.32 26.15 -16.45
CA ASP B 226 0.51 26.86 -17.44
C ASP B 226 -0.89 26.28 -17.50
N PRO B 227 -1.90 27.11 -17.77
CA PRO B 227 -3.26 26.57 -17.93
C PRO B 227 -3.48 25.89 -19.27
N GLN B 228 -2.60 26.11 -20.24
CA GLN B 228 -2.75 25.46 -21.55
C GLN B 228 -2.74 23.94 -21.40
N THR B 229 -1.67 23.41 -20.82
CA THR B 229 -1.58 21.99 -20.50
C THR B 229 -1.67 21.81 -19.00
N ASP B 230 -2.48 20.85 -18.56
CA ASP B 230 -2.69 20.58 -17.14
C ASP B 230 -1.48 19.80 -16.61
N GLN B 231 -0.39 20.54 -16.41
CA GLN B 231 0.86 19.96 -15.92
C GLN B 231 1.79 21.11 -15.54
N ASN B 232 2.68 20.84 -14.58
CA ASN B 232 3.68 21.79 -14.17
C ASN B 232 4.92 21.68 -15.04
N ILE B 233 5.64 22.79 -15.16
CA ILE B 233 6.87 22.87 -15.96
C ILE B 233 7.98 23.38 -15.06
N LYS B 234 9.05 22.60 -14.96
CA LYS B 234 10.20 22.98 -14.15
C LYS B 234 11.20 23.74 -15.02
N ILE B 235 11.70 24.85 -14.50
CA ILE B 235 12.65 25.70 -15.19
C ILE B 235 14.04 25.30 -14.72
N ASN B 236 14.73 24.48 -15.51
CA ASN B 236 16.08 24.03 -15.20
C ASN B 236 17.15 24.95 -15.75
N ASP B 237 16.81 26.20 -16.04
CA ASP B 237 17.77 27.15 -16.57
C ASP B 237 18.84 27.48 -15.53
N ARG B 238 20.00 27.91 -16.01
CA ARG B 238 21.12 28.17 -15.13
C ARG B 238 20.90 29.45 -14.33
N PHE B 239 21.07 29.35 -13.01
CA PHE B 239 20.91 30.47 -12.10
C PHE B 239 22.05 30.47 -11.11
N GLU B 240 22.89 31.50 -11.16
CA GLU B 240 24.06 31.59 -10.30
C GLU B 240 23.72 32.29 -8.98
N PHE B 241 24.40 31.88 -7.92
CA PHE B 241 24.30 32.52 -6.63
C PHE B 241 25.67 32.47 -5.96
N PRO B 242 26.12 33.57 -5.36
CA PRO B 242 27.48 33.63 -4.84
C PRO B 242 27.60 33.08 -3.43
N GLU B 243 28.85 32.78 -3.05
CA GLU B 243 29.14 32.41 -1.67
C GLU B 243 28.89 33.58 -0.72
N GLN B 244 29.19 34.79 -1.17
CA GLN B 244 28.94 36.01 -0.40
C GLN B 244 28.07 36.94 -1.23
N LEU B 245 27.01 37.46 -0.60
CA LEU B 245 25.97 38.21 -1.30
C LEU B 245 25.88 39.63 -0.77
N PRO B 246 26.48 40.60 -1.44
CA PRO B 246 26.32 42.01 -1.04
C PRO B 246 24.95 42.53 -1.47
N LEU B 247 24.15 42.97 -0.51
CA LEU B 247 22.81 43.48 -0.77
C LEU B 247 22.65 44.94 -0.37
N ASP B 248 23.75 45.63 -0.03
CA ASP B 248 23.66 47.03 0.35
C ASP B 248 23.10 47.89 -0.76
N GLU B 249 23.28 47.47 -2.01
CA GLU B 249 22.79 48.26 -3.14
C GLU B 249 21.28 48.37 -3.14
N PHE B 250 20.59 47.30 -2.77
CA PHE B 250 19.13 47.27 -2.80
C PHE B 250 18.50 47.79 -1.52
N LEU B 251 19.30 48.26 -0.57
CA LEU B 251 18.79 48.77 0.70
C LEU B 251 18.58 50.28 0.59
N GLN B 252 17.33 50.72 0.67
CA GLN B 252 17.05 52.13 0.90
C GLN B 252 17.58 52.53 2.26
N LYS B 253 18.33 53.64 2.30
CA LYS B 253 19.01 54.10 3.51
C LYS B 253 19.98 53.04 4.02
N THR B 254 21.09 52.90 3.28
CA THR B 254 22.16 52.00 3.67
C THR B 254 22.93 52.58 4.84
N ASP B 255 23.20 51.76 5.86
CA ASP B 255 23.99 52.34 6.93
C ASP B 255 25.36 51.70 7.00
N PRO B 256 26.40 52.46 7.31
CA PRO B 256 27.72 51.87 7.54
C PRO B 256 27.79 51.11 8.86
N LYS B 257 28.93 50.47 9.13
CA LYS B 257 29.17 49.69 10.33
C LYS B 257 28.30 48.44 10.40
N ASP B 258 27.39 48.27 9.45
CA ASP B 258 26.57 47.07 9.35
C ASP B 258 26.05 46.94 7.92
N PRO B 259 26.93 46.63 6.97
CA PRO B 259 26.48 46.42 5.59
C PRO B 259 25.65 45.17 5.46
N ALA B 260 24.89 45.10 4.37
CA ALA B 260 24.02 43.96 4.07
C ALA B 260 24.79 42.86 3.34
N ASN B 261 25.94 42.46 3.88
CA ASN B 261 26.74 41.39 3.31
C ASN B 261 26.35 40.07 3.97
N TYR B 262 25.99 39.09 3.15
CA TYR B 262 25.44 37.83 3.61
C TYR B 262 26.32 36.66 3.16
N ILE B 263 26.36 35.62 3.98
CA ILE B 263 27.16 34.42 3.72
C ILE B 263 26.22 33.26 3.47
N LEU B 264 26.51 32.48 2.43
CA LEU B 264 25.67 31.33 2.10
C LEU B 264 25.80 30.26 3.18
N HIS B 265 24.66 29.76 3.64
CA HIS B 265 24.60 28.76 4.69
C HIS B 265 24.01 27.44 4.23
N ALA B 266 22.98 27.47 3.37
CA ALA B 266 22.32 26.27 2.93
C ALA B 266 21.87 26.43 1.49
N VAL B 267 21.86 25.31 0.76
CA VAL B 267 21.39 25.26 -0.62
C VAL B 267 20.44 24.07 -0.72
N LEU B 268 19.14 24.35 -0.69
CA LEU B 268 18.15 23.30 -0.87
C LEU B 268 17.97 22.99 -2.35
N VAL B 269 17.82 21.71 -2.67
CA VAL B 269 18.02 21.21 -4.01
C VAL B 269 16.97 20.15 -4.32
N HIS B 270 16.50 20.12 -5.58
CA HIS B 270 15.46 19.19 -6.00
C HIS B 270 15.81 18.59 -7.35
N SER B 271 15.39 17.33 -7.54
CA SER B 271 15.43 16.66 -8.82
C SER B 271 14.06 16.06 -9.10
N GLY B 272 13.58 16.22 -10.34
CA GLY B 272 12.23 15.82 -10.68
C GLY B 272 12.09 14.31 -10.78
N ASP B 273 11.05 13.77 -10.14
CA ASP B 273 10.75 12.34 -10.16
C ASP B 273 9.28 12.14 -10.50
N ASN B 274 8.94 10.88 -10.79
CA ASN B 274 7.57 10.41 -10.67
C ASN B 274 7.37 9.61 -9.39
N HIS B 275 8.34 9.70 -8.48
CA HIS B 275 8.31 9.06 -7.16
C HIS B 275 8.11 10.08 -6.05
N GLY B 276 7.55 11.24 -6.37
CA GLY B 276 7.41 12.33 -5.42
C GLY B 276 8.55 13.31 -5.39
N GLY B 277 9.61 13.08 -6.15
CA GLY B 277 10.74 13.98 -6.17
C GLY B 277 11.80 13.60 -5.16
N HIS B 278 13.05 13.89 -5.52
CA HIS B 278 14.19 13.69 -4.64
C HIS B 278 14.73 15.03 -4.20
N TYR B 279 14.73 15.26 -2.88
CA TYR B 279 15.15 16.53 -2.31
C TYR B 279 16.39 16.32 -1.45
N VAL B 280 17.38 17.18 -1.62
CA VAL B 280 18.67 17.10 -0.93
C VAL B 280 19.09 18.50 -0.54
N VAL B 281 19.66 18.64 0.66
CA VAL B 281 20.09 19.94 1.18
C VAL B 281 21.59 19.90 1.42
N TYR B 282 22.29 20.94 0.98
CA TYR B 282 23.70 21.14 1.26
C TYR B 282 23.85 22.20 2.34
N LEU B 283 24.78 21.98 3.27
CA LEU B 283 24.91 22.84 4.42
C LEU B 283 26.36 22.90 4.89
N ASN B 284 26.79 24.07 5.33
CA ASN B 284 28.00 24.25 6.12
C ASN B 284 27.58 24.82 7.47
N PRO B 285 27.28 23.97 8.45
CA PRO B 285 26.60 24.44 9.67
C PRO B 285 27.38 25.49 10.44
N LYS B 286 28.71 25.43 10.44
CA LYS B 286 29.51 26.40 11.18
C LYS B 286 29.77 27.68 10.39
N GLY B 287 29.29 27.78 9.15
CA GLY B 287 29.58 28.94 8.33
C GLY B 287 31.04 29.08 7.97
N ASP B 288 31.82 28.01 8.08
CA ASP B 288 33.25 28.04 7.78
C ASP B 288 33.56 27.53 6.37
N GLY B 289 32.55 27.33 5.54
CA GLY B 289 32.75 26.82 4.20
C GLY B 289 33.01 25.33 4.12
N LYS B 290 32.97 24.61 5.24
CA LYS B 290 33.14 23.16 5.24
C LYS B 290 31.77 22.54 4.99
N TRP B 291 31.51 22.14 3.75
CA TRP B 291 30.17 21.76 3.32
C TRP B 291 29.93 20.26 3.48
N CYS B 292 28.66 19.92 3.72
CA CYS B 292 28.19 18.55 3.80
C CYS B 292 26.89 18.42 3.02
N LYS B 293 26.65 17.22 2.50
CA LYS B 293 25.41 16.89 1.81
C LYS B 293 24.53 16.05 2.73
N PHE B 294 23.25 16.41 2.81
CA PHE B 294 22.28 15.70 3.64
C PHE B 294 21.23 15.08 2.72
N ASP B 295 21.40 13.79 2.43
CA ASP B 295 20.46 13.03 1.60
C ASP B 295 19.70 12.08 2.53
N ASP B 296 18.67 12.62 3.18
CA ASP B 296 17.90 11.90 4.19
C ASP B 296 18.82 11.30 5.26
N ASP B 297 18.97 9.98 5.26
CA ASP B 297 19.79 9.31 6.27
C ASP B 297 21.27 9.27 5.93
N VAL B 298 21.65 9.68 4.72
CA VAL B 298 23.04 9.64 4.28
C VAL B 298 23.62 11.04 4.37
N VAL B 299 24.50 11.27 5.34
CA VAL B 299 25.19 12.55 5.51
C VAL B 299 26.66 12.34 5.16
N SER B 300 27.17 13.17 4.25
CA SER B 300 28.52 13.00 3.72
C SER B 300 29.16 14.36 3.50
N ARG B 301 30.48 14.39 3.65
CA ARG B 301 31.24 15.59 3.30
C ARG B 301 31.29 15.75 1.79
N CYS B 302 31.27 17.02 1.35
CA CYS B 302 31.28 17.32 -0.08
C CYS B 302 32.12 18.55 -0.33
N THR B 303 32.57 18.70 -1.58
CA THR B 303 33.32 19.87 -1.99
C THR B 303 32.42 21.10 -1.99
N LYS B 304 33.03 22.27 -1.79
CA LYS B 304 32.28 23.52 -1.91
C LYS B 304 31.72 23.69 -3.31
N GLU B 305 32.44 23.20 -4.33
CA GLU B 305 31.95 23.25 -5.69
C GLU B 305 30.65 22.45 -5.84
N GLU B 306 30.56 21.31 -5.15
CA GLU B 306 29.37 20.47 -5.29
C GLU B 306 28.14 21.11 -4.67
N ALA B 307 28.33 21.98 -3.67
CA ALA B 307 27.20 22.64 -3.02
C ALA B 307 26.77 23.92 -3.72
N ILE B 308 27.66 24.56 -4.47
CA ILE B 308 27.37 25.87 -5.06
C ILE B 308 27.29 25.76 -6.58
N GLU B 309 28.43 25.49 -7.22
CA GLU B 309 28.50 25.57 -8.67
C GLU B 309 27.64 24.51 -9.33
N HIS B 310 27.71 23.27 -8.83
CA HIS B 310 26.98 22.18 -9.46
C HIS B 310 25.47 22.27 -9.28
N ASN B 311 24.98 23.22 -8.49
CA ASN B 311 23.56 23.42 -8.30
C ASN B 311 23.04 24.66 -9.02
N TYR B 312 23.86 25.28 -9.87
CA TYR B 312 23.38 26.40 -10.66
C TYR B 312 22.33 25.97 -11.68
N GLY B 313 22.45 24.76 -12.21
CA GLY B 313 21.52 24.24 -13.19
C GLY B 313 22.06 24.36 -14.61
N GLY B 314 21.32 23.74 -15.53
CA GLY B 314 21.70 23.77 -16.93
C GLY B 314 21.13 22.57 -17.66
N HIS B 315 21.80 22.18 -18.75
CA HIS B 315 21.40 21.05 -19.59
C HIS B 315 22.66 20.23 -19.88
N ASP B 316 23.08 19.42 -18.91
CA ASP B 316 24.25 18.58 -19.08
C ASP B 316 24.27 17.48 -18.02
N ARG B 322 17.50 9.61 -15.03
CA ARG B 322 17.18 10.54 -13.95
C ARG B 322 17.24 11.98 -14.47
N HIS B 323 16.51 12.88 -13.81
CA HIS B 323 16.37 14.25 -14.27
C HIS B 323 17.43 15.15 -13.63
N CYS B 324 17.44 16.41 -14.05
CA CYS B 324 18.46 17.35 -13.61
C CYS B 324 18.26 17.72 -12.14
N THR B 325 19.34 18.20 -11.54
CA THR B 325 19.40 18.54 -10.12
C THR B 325 19.85 19.99 -9.97
N ASN B 326 19.05 20.79 -9.26
CA ASN B 326 19.35 22.21 -9.12
C ASN B 326 18.71 22.73 -7.84
N ALA B 327 19.04 23.98 -7.51
CA ALA B 327 18.64 24.60 -6.26
C ALA B 327 17.31 25.32 -6.40
N TYR B 328 16.45 25.16 -5.39
CA TYR B 328 15.16 25.84 -5.35
C TYR B 328 14.98 26.72 -4.12
N MET B 329 15.87 26.63 -3.13
CA MET B 329 15.77 27.44 -1.93
C MET B 329 17.17 27.67 -1.38
N LEU B 330 17.42 28.90 -0.94
CA LEU B 330 18.73 29.34 -0.48
C LEU B 330 18.58 29.99 0.88
N VAL B 331 19.56 29.79 1.75
CA VAL B 331 19.56 30.39 3.08
C VAL B 331 20.87 31.14 3.28
N TYR B 332 20.77 32.44 3.53
CA TYR B 332 21.92 33.28 3.84
C TYR B 332 21.83 33.76 5.28
N ILE B 333 22.98 34.00 5.88
CA ILE B 333 23.09 34.55 7.23
C ILE B 333 23.92 35.82 7.16
N ARG B 334 23.42 36.88 7.78
CA ARG B 334 24.13 38.15 7.79
C ARG B 334 25.49 38.00 8.46
N GLU B 335 26.53 38.53 7.81
CA GLU B 335 27.88 38.36 8.32
C GLU B 335 28.04 38.98 9.71
N SER B 336 27.32 40.06 9.99
CA SER B 336 27.43 40.70 11.30
C SER B 336 26.73 39.88 12.39
N LYS B 337 25.68 39.13 12.03
CA LYS B 337 24.95 38.31 12.97
C LYS B 337 25.32 36.83 12.87
N LEU B 338 26.38 36.50 12.13
CA LEU B 338 26.79 35.11 11.98
C LEU B 338 27.17 34.51 13.33
N SER B 339 27.86 35.27 14.17
CA SER B 339 28.41 34.73 15.40
C SER B 339 27.31 34.30 16.37
N GLU B 340 26.27 35.11 16.52
CA GLU B 340 25.20 34.78 17.47
C GLU B 340 24.15 33.84 16.89
N VAL B 341 23.93 33.88 15.58
CA VAL B 341 22.99 32.94 14.96
C VAL B 341 23.54 31.53 15.03
N LEU B 342 24.78 31.35 14.60
CA LEU B 342 25.45 30.05 14.69
C LEU B 342 26.19 29.86 16.00
N GLN B 343 25.58 30.29 17.11
CA GLN B 343 26.18 30.10 18.42
C GLN B 343 26.23 28.62 18.78
N ALA B 344 27.22 28.26 19.58
CA ALA B 344 27.40 26.86 19.96
C ALA B 344 26.27 26.41 20.87
N VAL B 345 25.65 25.30 20.53
CA VAL B 345 24.56 24.73 21.30
C VAL B 345 25.11 23.50 22.01
N THR B 346 25.21 23.59 23.34
CA THR B 346 25.71 22.49 24.14
C THR B 346 24.54 21.75 24.79
N ASP B 347 24.88 20.58 25.35
CA ASP B 347 23.88 19.75 26.01
C ASP B 347 23.27 20.42 27.23
N HIS B 348 23.99 21.35 27.86
CA HIS B 348 23.48 22.09 29.00
C HIS B 348 22.51 23.18 28.61
N ASP B 349 22.43 23.55 27.33
CA ASP B 349 21.42 24.51 26.90
C ASP B 349 20.02 23.93 26.98
N ILE B 350 19.91 22.60 26.84
CA ILE B 350 18.61 21.93 26.89
C ILE B 350 18.18 21.80 28.35
N PRO B 351 16.99 22.29 28.71
CA PRO B 351 16.55 22.19 30.10
C PRO B 351 16.32 20.75 30.52
N GLN B 352 16.60 20.48 31.79
CA GLN B 352 16.56 19.11 32.29
C GLN B 352 15.17 18.50 32.23
N GLN B 353 14.13 19.33 32.37
CA GLN B 353 12.76 18.80 32.31
C GLN B 353 12.44 18.26 30.93
N LEU B 354 12.96 18.90 29.88
CA LEU B 354 12.73 18.41 28.53
C LEU B 354 13.52 17.13 28.26
N VAL B 355 14.75 17.05 28.77
CA VAL B 355 15.58 15.87 28.52
C VAL B 355 14.95 14.64 29.16
N GLU B 356 14.46 14.78 30.40
CA GLU B 356 13.90 13.63 31.11
C GLU B 356 12.64 13.11 30.41
N ARG B 357 11.83 14.01 29.86
CA ARG B 357 10.60 13.59 29.20
C ARG B 357 10.91 12.84 27.91
N LEU B 358 11.87 13.33 27.12
CA LEU B 358 12.21 12.67 25.86
C LEU B 358 12.89 11.34 26.10
N GLN B 359 13.73 11.25 27.15
CA GLN B 359 14.38 9.98 27.46
C GLN B 359 13.36 8.95 27.93
N GLU B 360 12.29 9.38 28.61
CA GLU B 360 11.23 8.46 28.96
C GLU B 360 10.56 7.90 27.70
N GLU B 361 10.24 8.78 26.75
CA GLU B 361 9.61 8.33 25.51
C GLU B 361 10.49 7.35 24.76
N LYS B 362 11.82 7.52 24.84
CA LYS B 362 12.71 6.59 24.16
C LYS B 362 12.69 5.22 24.81
N ARG B 363 12.58 5.17 26.14
CA ARG B 363 12.53 3.87 26.83
C ARG B 363 11.19 3.19 26.60
N ILE B 364 10.09 3.95 26.57
CA ILE B 364 8.79 3.36 26.32
C ILE B 364 8.73 2.77 24.92
N GLU B 365 9.30 3.47 23.94
CA GLU B 365 9.29 2.99 22.56
C GLU B 365 10.22 1.80 22.35
N ALA B 366 11.12 1.52 23.31
CA ALA B 366 11.99 0.35 23.23
C ALA B 366 11.37 -0.88 23.87
N GLN B 367 10.22 -0.75 24.51
CA GLN B 367 9.57 -1.87 25.16
C GLN B 367 8.48 -2.48 24.26
N PHE C 2 5.95 -3.71 7.07
CA PHE C 2 6.62 -5.00 6.91
C PHE C 2 7.42 -5.37 8.15
N PHE C 3 7.60 -6.68 8.37
CA PHE C 3 8.30 -7.17 9.56
C PHE C 3 9.22 -8.33 9.26
N ARG C 4 9.60 -8.55 8.00
CA ARG C 4 10.43 -9.69 7.64
C ARG C 4 11.20 -9.37 6.38
N ILE C 5 12.21 -10.19 6.10
CA ILE C 5 12.96 -10.10 4.86
C ILE C 5 11.99 -10.32 3.71
N ARG C 6 11.78 -9.27 2.91
CA ARG C 6 10.92 -9.33 1.74
C ARG C 6 11.63 -8.67 0.59
N TYR C 7 11.27 -9.08 -0.63
CA TYR C 7 11.79 -8.48 -1.84
C TYR C 7 10.64 -7.86 -2.64
N PHE C 8 10.98 -6.90 -3.48
CA PHE C 8 10.02 -6.28 -4.38
C PHE C 8 10.72 -5.95 -5.69
N ALA C 9 9.92 -5.57 -6.68
CA ALA C 9 10.48 -5.05 -7.92
C ALA C 9 10.63 -3.54 -7.88
N THR C 10 9.87 -2.85 -7.04
CA THR C 10 9.93 -1.40 -6.91
C THR C 10 10.18 -1.04 -5.44
N ASN C 11 10.23 0.27 -5.18
CA ASN C 11 10.41 0.79 -3.82
C ASN C 11 9.06 0.75 -3.10
N VAL C 12 8.70 -0.44 -2.63
CA VAL C 12 7.40 -0.67 -2.00
C VAL C 12 7.50 -0.29 -0.53
N ARG C 13 6.57 0.54 -0.09
CA ARG C 13 6.47 0.97 1.30
C ARG C 13 5.20 0.41 1.93
N CYS C 14 5.16 0.49 3.27
CA CYS C 14 4.05 -0.07 4.04
C CYS C 14 2.91 0.94 4.12
N LYS C 15 1.83 0.56 4.81
CA LYS C 15 0.69 1.45 4.99
C LYS C 15 0.29 1.52 6.47
N PHE D 2 -5.50 24.91 -10.02
CA PHE D 2 -5.00 26.18 -10.55
C PHE D 2 -5.62 26.49 -11.91
N PHE D 3 -5.80 27.78 -12.21
CA PHE D 3 -6.40 28.21 -13.48
C PHE D 3 -5.67 29.43 -14.02
N ARG D 4 -4.36 29.51 -13.82
CA ARG D 4 -3.63 30.73 -14.16
C ARG D 4 -2.14 30.45 -14.05
N ILE D 5 -1.34 31.20 -14.84
CA ILE D 5 0.12 31.16 -14.70
C ILE D 5 0.44 31.39 -13.24
N ARG D 6 1.03 30.38 -12.61
CA ARG D 6 1.44 30.44 -11.23
C ARG D 6 2.84 29.85 -11.13
N TYR D 7 3.63 30.40 -10.24
CA TYR D 7 4.99 29.93 -10.02
C TYR D 7 5.12 29.35 -8.63
N PHE D 8 6.02 28.38 -8.49
CA PHE D 8 6.31 27.76 -7.21
C PHE D 8 7.81 27.49 -7.13
N ALA D 9 8.26 27.11 -5.94
CA ALA D 9 9.62 26.62 -5.76
C ALA D 9 9.72 25.11 -5.94
N THR D 10 8.63 24.39 -5.69
CA THR D 10 8.58 22.94 -5.86
C THR D 10 7.39 22.58 -6.76
N ASN D 11 7.24 21.29 -7.02
CA ASN D 11 6.11 20.78 -7.79
C ASN D 11 4.85 20.82 -6.94
N VAL D 12 4.08 21.90 -7.05
CA VAL D 12 2.88 22.10 -6.24
C VAL D 12 1.67 21.64 -7.04
N ARG D 13 0.89 20.74 -6.46
CA ARG D 13 -0.34 20.23 -7.05
C ARG D 13 -1.55 20.94 -6.47
N CYS D 14 -2.66 20.83 -7.18
CA CYS D 14 -3.89 21.52 -6.80
C CYS D 14 -4.60 20.79 -5.65
N HIS E 24 -2.08 -45.35 17.50
CA HIS E 24 -1.10 -44.90 16.52
C HIS E 24 -1.10 -43.38 16.39
N THR E 25 -2.30 -42.80 16.24
CA THR E 25 -2.45 -41.35 16.15
C THR E 25 -2.86 -40.70 17.46
N GLY E 26 -3.46 -41.46 18.38
CA GLY E 26 -3.88 -40.93 19.65
C GLY E 26 -5.32 -40.43 19.69
N TYR E 27 -5.95 -40.27 18.54
CA TYR E 27 -7.34 -39.84 18.46
C TYR E 27 -8.21 -41.00 17.98
N VAL E 28 -9.52 -40.84 18.12
CA VAL E 28 -10.49 -41.85 17.73
C VAL E 28 -11.58 -41.21 16.90
N GLY E 29 -12.18 -42.00 16.02
CA GLY E 29 -13.17 -41.50 15.08
C GLY E 29 -14.59 -41.68 15.57
N LEU E 30 -15.53 -41.22 14.74
CA LEU E 30 -16.94 -41.25 15.05
C LEU E 30 -17.65 -42.18 14.06
N LYS E 31 -18.44 -43.11 14.59
CA LYS E 31 -19.10 -44.11 13.75
C LYS E 31 -20.05 -43.44 12.77
N ASN E 32 -20.12 -44.01 11.56
CA ASN E 32 -21.03 -43.53 10.52
C ASN E 32 -22.31 -44.36 10.59
N GLN E 33 -23.07 -44.12 11.67
CA GLN E 33 -24.29 -44.91 11.91
C GLN E 33 -25.32 -44.69 10.82
N GLY E 34 -25.48 -43.46 10.36
CA GLY E 34 -26.42 -43.17 9.30
C GLY E 34 -25.80 -42.45 8.12
N ALA E 35 -26.54 -41.54 7.50
CA ALA E 35 -26.06 -40.69 6.42
C ALA E 35 -26.21 -39.25 6.90
N THR E 36 -25.21 -38.77 7.62
CA THR E 36 -25.33 -37.54 8.39
C THR E 36 -24.49 -36.39 7.84
N CYS E 37 -23.71 -36.62 6.78
CA CYS E 37 -23.02 -35.56 6.07
C CYS E 37 -22.03 -34.81 6.94
N TYR E 38 -22.33 -33.55 7.26
CA TYR E 38 -21.40 -32.64 7.89
C TYR E 38 -21.39 -32.71 9.41
N MET E 39 -22.28 -33.50 10.02
CA MET E 39 -22.35 -33.53 11.48
C MET E 39 -21.07 -34.06 12.10
N ASN E 40 -20.62 -35.23 11.64
CA ASN E 40 -19.41 -35.83 12.21
C ASN E 40 -18.23 -34.88 12.13
N SER E 41 -18.13 -34.12 11.04
CA SER E 41 -17.06 -33.14 10.91
C SER E 41 -17.21 -32.01 11.93
N LEU E 42 -18.45 -31.65 12.26
CA LEU E 42 -18.68 -30.57 13.21
C LEU E 42 -18.35 -30.99 14.63
N LEU E 43 -18.67 -32.23 15.01
CA LEU E 43 -18.40 -32.68 16.36
C LEU E 43 -16.91 -32.69 16.66
N GLN E 44 -16.09 -33.16 15.72
CA GLN E 44 -14.66 -33.17 15.94
C GLN E 44 -14.11 -31.76 16.11
N THR E 45 -14.68 -30.79 15.39
CA THR E 45 -14.23 -29.41 15.54
C THR E 45 -14.54 -28.89 16.94
N LEU E 46 -15.77 -29.12 17.42
CA LEU E 46 -16.15 -28.66 18.75
C LEU E 46 -15.51 -29.48 19.86
N PHE E 47 -15.03 -30.69 19.55
CA PHE E 47 -14.38 -31.50 20.57
C PHE E 47 -12.98 -30.99 20.88
N PHE E 48 -12.27 -30.50 19.87
CA PHE E 48 -10.91 -30.02 20.04
C PHE E 48 -10.83 -28.53 20.34
N THR E 49 -11.96 -27.86 20.55
CA THR E 49 -11.98 -26.56 21.21
C THR E 49 -11.91 -26.86 22.70
N ASN E 50 -10.69 -26.89 23.23
CA ASN E 50 -10.46 -27.48 24.56
C ASN E 50 -11.14 -26.67 25.66
N GLN E 51 -11.12 -25.34 25.55
CA GLN E 51 -11.84 -24.52 26.54
C GLN E 51 -13.33 -24.75 26.46
N LEU E 52 -13.86 -25.02 25.27
CA LEU E 52 -15.27 -25.37 25.15
C LEU E 52 -15.56 -26.70 25.82
N ARG E 53 -14.75 -27.73 25.53
CA ARG E 53 -15.02 -29.06 26.06
C ARG E 53 -14.85 -29.11 27.58
N LYS E 54 -13.99 -28.27 28.14
CA LYS E 54 -13.82 -28.25 29.59
C LYS E 54 -15.06 -27.67 30.27
N ALA E 55 -15.54 -26.53 29.79
CA ALA E 55 -16.81 -25.99 30.26
C ALA E 55 -17.97 -26.91 29.93
N VAL E 56 -17.80 -27.81 28.97
CA VAL E 56 -18.84 -28.80 28.68
C VAL E 56 -18.92 -29.84 29.79
N TYR E 57 -17.78 -30.22 30.36
CA TYR E 57 -17.82 -31.24 31.41
C TYR E 57 -18.44 -30.73 32.70
N MET E 58 -18.41 -29.41 32.94
CA MET E 58 -18.88 -28.83 34.19
C MET E 58 -20.39 -28.58 34.22
N MET E 59 -21.10 -28.87 33.14
CA MET E 59 -22.53 -28.54 33.09
C MET E 59 -23.32 -29.43 34.04
N PRO E 60 -24.12 -28.86 34.94
CA PRO E 60 -24.93 -29.68 35.85
C PRO E 60 -26.03 -30.43 35.13
N THR E 61 -25.73 -31.65 34.68
CA THR E 61 -26.69 -32.49 33.98
C THR E 61 -27.03 -33.76 34.77
N GLU E 62 -26.98 -33.67 36.10
CA GLU E 62 -27.22 -34.85 36.93
C GLU E 62 -28.68 -35.28 36.89
N GLY E 63 -29.60 -34.31 36.91
CA GLY E 63 -31.02 -34.64 36.93
C GLY E 63 -31.68 -34.57 35.57
N ASP E 64 -30.89 -34.69 34.51
CA ASP E 64 -31.40 -34.59 33.15
C ASP E 64 -31.81 -35.96 32.64
N ASP E 65 -32.75 -35.96 31.70
CA ASP E 65 -33.26 -37.18 31.07
C ASP E 65 -32.53 -37.40 29.75
N SER E 66 -31.81 -38.52 29.64
CA SER E 66 -30.99 -38.80 28.47
C SER E 66 -31.80 -38.96 27.19
N SER E 67 -33.11 -39.15 27.27
CA SER E 67 -33.94 -39.28 26.08
C SER E 67 -34.12 -37.96 25.34
N LYS E 68 -33.75 -36.83 25.95
CA LYS E 68 -33.88 -35.55 25.28
C LYS E 68 -32.86 -34.52 25.73
N SER E 69 -31.94 -34.85 26.64
CA SER E 69 -30.95 -33.90 27.13
C SER E 69 -29.78 -33.87 26.17
N VAL E 70 -29.72 -32.83 25.34
CA VAL E 70 -28.61 -32.65 24.40
C VAL E 70 -27.35 -32.16 25.11
N PRO E 71 -27.40 -31.37 26.20
CA PRO E 71 -26.13 -31.05 26.87
C PRO E 71 -25.47 -32.27 27.51
N LEU E 72 -26.26 -33.28 27.87
CA LEU E 72 -25.68 -34.52 28.37
C LEU E 72 -25.18 -35.40 27.22
N ALA E 73 -25.84 -35.35 26.06
CA ALA E 73 -25.36 -36.11 24.92
C ALA E 73 -24.04 -35.57 24.39
N LEU E 74 -23.82 -34.25 24.49
CA LEU E 74 -22.54 -33.69 24.06
C LEU E 74 -21.44 -34.05 25.04
N GLN E 75 -21.75 -34.06 26.35
CA GLN E 75 -20.79 -34.54 27.32
C GLN E 75 -20.44 -36.00 27.06
N ARG E 76 -21.41 -36.78 26.60
CA ARG E 76 -21.15 -38.17 26.24
C ARG E 76 -20.11 -38.26 25.13
N VAL E 77 -20.39 -37.63 23.98
CA VAL E 77 -19.50 -37.74 22.83
C VAL E 77 -18.10 -37.25 23.18
N PHE E 78 -17.99 -36.17 23.94
CA PHE E 78 -16.68 -35.67 24.33
C PHE E 78 -15.94 -36.69 25.20
N TYR E 79 -16.65 -37.33 26.12
CA TYR E 79 -16.01 -38.32 26.98
C TYR E 79 -15.62 -39.57 26.20
N GLU E 80 -16.48 -40.01 25.27
CA GLU E 80 -16.19 -41.20 24.50
C GLU E 80 -15.07 -40.94 23.49
N LEU E 81 -15.02 -39.74 22.92
CA LEU E 81 -13.93 -39.38 22.02
C LEU E 81 -12.61 -39.23 22.75
N GLN E 82 -12.65 -38.99 24.06
CA GLN E 82 -11.44 -38.82 24.86
C GLN E 82 -10.88 -40.15 25.37
N HIS E 83 -11.74 -41.08 25.74
CA HIS E 83 -11.33 -42.33 26.38
C HIS E 83 -11.48 -43.54 25.48
N SER E 84 -12.63 -43.71 24.83
CA SER E 84 -12.92 -44.95 24.12
C SER E 84 -11.99 -45.13 22.92
N ASP E 85 -11.43 -46.32 22.80
CA ASP E 85 -10.56 -46.68 21.67
C ASP E 85 -11.32 -47.27 20.50
N LYS E 86 -12.62 -47.48 20.64
CA LYS E 86 -13.52 -47.97 19.61
C LYS E 86 -14.29 -46.81 18.98
N PRO E 87 -14.88 -47.01 17.80
CA PRO E 87 -15.67 -45.93 17.19
C PRO E 87 -16.79 -45.44 18.10
N VAL E 88 -17.16 -44.18 17.92
CA VAL E 88 -18.09 -43.49 18.81
C VAL E 88 -19.42 -43.31 18.07
N GLY E 89 -20.48 -43.89 18.62
CA GLY E 89 -21.79 -43.73 18.03
C GLY E 89 -22.34 -42.33 18.23
N THR E 90 -23.27 -41.95 17.35
CA THR E 90 -23.87 -40.63 17.39
C THR E 90 -25.39 -40.63 17.39
N LYS E 91 -26.04 -41.79 17.25
CA LYS E 91 -27.50 -41.81 17.10
C LYS E 91 -28.21 -41.26 18.32
N LYS E 92 -27.58 -41.34 19.51
CA LYS E 92 -28.20 -40.78 20.70
C LYS E 92 -28.25 -39.26 20.64
N LEU E 93 -27.21 -38.64 20.07
CA LEU E 93 -27.19 -37.18 19.94
C LEU E 93 -28.10 -36.68 18.82
N THR E 94 -28.46 -37.54 17.87
CA THR E 94 -29.36 -37.10 16.81
C THR E 94 -30.80 -37.00 17.30
N LYS E 95 -31.19 -37.86 18.24
CA LYS E 95 -32.55 -37.80 18.77
C LYS E 95 -32.83 -36.53 19.55
N SER E 96 -31.78 -35.85 20.02
CA SER E 96 -31.97 -34.62 20.80
C SER E 96 -32.54 -33.48 19.97
N PHE E 97 -32.35 -33.50 18.65
CA PHE E 97 -32.91 -32.47 17.78
C PHE E 97 -33.78 -33.05 16.68
N GLY E 98 -33.98 -34.36 16.64
CA GLY E 98 -34.79 -35.00 15.61
C GLY E 98 -34.12 -35.04 14.25
N LEU E 102 -34.29 -38.90 5.81
CA LEU E 102 -33.80 -38.06 6.90
C LEU E 102 -33.13 -36.80 6.34
N ASP E 103 -33.95 -35.90 5.81
CA ASP E 103 -33.48 -34.64 5.25
C ASP E 103 -33.19 -33.59 6.30
N SER E 104 -33.05 -33.98 7.57
CA SER E 104 -32.72 -33.02 8.62
C SER E 104 -31.37 -32.35 8.37
N PHE E 105 -30.56 -32.92 7.49
CA PHE E 105 -29.25 -32.37 7.17
C PHE E 105 -29.11 -31.91 5.73
N MET E 106 -29.86 -32.50 4.80
CA MET E 106 -29.88 -32.00 3.45
C MET E 106 -30.75 -30.75 3.30
N GLN E 107 -31.64 -30.51 4.27
CA GLN E 107 -32.45 -29.30 4.29
C GLN E 107 -31.97 -28.29 5.33
N HIS E 108 -30.70 -28.39 5.73
CA HIS E 108 -30.11 -27.45 6.68
C HIS E 108 -28.62 -27.33 6.39
N ASP E 109 -28.02 -26.27 6.91
CA ASP E 109 -26.61 -25.99 6.69
C ASP E 109 -25.81 -26.32 7.94
N VAL E 110 -24.49 -26.31 7.79
CA VAL E 110 -23.61 -26.66 8.91
C VAL E 110 -23.64 -25.58 9.98
N GLN E 111 -23.85 -24.33 9.58
CA GLN E 111 -23.97 -23.26 10.57
C GLN E 111 -25.21 -23.43 11.44
N GLU E 112 -26.29 -23.94 10.85
CA GLU E 112 -27.53 -24.12 11.61
C GLU E 112 -27.34 -25.13 12.74
N LEU E 113 -26.69 -26.26 12.44
CA LEU E 113 -26.48 -27.28 13.46
C LEU E 113 -25.56 -26.78 14.57
N CYS E 114 -24.51 -26.03 14.21
CA CYS E 114 -23.62 -25.49 15.22
C CYS E 114 -24.34 -24.53 16.15
N ARG E 115 -25.31 -23.78 15.62
CA ARG E 115 -26.11 -22.89 16.47
C ARG E 115 -26.98 -23.69 17.42
N VAL E 116 -27.60 -24.77 16.94
CA VAL E 116 -28.47 -25.57 17.79
C VAL E 116 -27.68 -26.16 18.94
N LEU E 117 -26.53 -26.78 18.64
CA LEU E 117 -25.72 -27.39 19.68
C LEU E 117 -25.23 -26.35 20.69
N LEU E 118 -24.86 -25.17 20.20
CA LEU E 118 -24.27 -24.17 21.10
C LEU E 118 -25.29 -23.33 21.83
N ASP E 119 -26.51 -23.23 21.33
CA ASP E 119 -27.55 -22.58 22.10
C ASP E 119 -27.88 -23.37 23.35
N ASN E 120 -27.93 -24.70 23.23
CA ASN E 120 -28.32 -25.54 24.36
C ASN E 120 -27.25 -25.53 25.46
N VAL E 121 -25.97 -25.65 25.09
CA VAL E 121 -24.91 -25.61 26.09
C VAL E 121 -24.86 -24.23 26.74
N GLU E 122 -25.14 -23.18 25.97
CA GLU E 122 -25.20 -21.83 26.54
C GLU E 122 -26.34 -21.71 27.54
N ASN E 123 -27.41 -22.48 27.34
CA ASN E 123 -28.55 -22.44 28.25
C ASN E 123 -28.23 -23.12 29.58
N LYS E 124 -27.69 -24.34 29.52
CA LYS E 124 -27.43 -25.10 30.73
C LYS E 124 -26.31 -24.48 31.55
N MET E 125 -25.42 -23.73 30.92
CA MET E 125 -24.28 -23.14 31.62
C MET E 125 -24.63 -21.82 32.29
N LYS E 126 -25.87 -21.36 32.18
CA LYS E 126 -26.30 -20.20 32.94
C LYS E 126 -26.43 -20.58 34.42
N GLY E 127 -25.80 -19.79 35.29
CA GLY E 127 -25.84 -20.06 36.71
C GLY E 127 -24.68 -20.85 37.26
N THR E 128 -23.74 -21.25 36.42
CA THR E 128 -22.57 -22.02 36.85
C THR E 128 -21.31 -21.17 36.73
N CYS E 129 -20.20 -21.74 37.21
CA CYS E 129 -18.95 -20.99 37.28
C CYS E 129 -18.38 -20.65 35.89
N VAL E 130 -18.73 -21.42 34.87
CA VAL E 130 -18.25 -21.15 33.52
C VAL E 130 -19.38 -20.54 32.69
N GLU E 131 -20.24 -19.75 33.33
CA GLU E 131 -21.31 -19.07 32.61
C GLU E 131 -20.72 -18.07 31.63
N GLY E 132 -21.31 -18.02 30.43
CA GLY E 132 -20.87 -17.08 29.42
C GLY E 132 -19.67 -17.53 28.61
N THR E 133 -19.38 -18.83 28.60
CA THR E 133 -18.24 -19.33 27.83
C THR E 133 -18.56 -19.35 26.33
N ILE E 134 -19.79 -19.71 25.97
CA ILE E 134 -20.17 -19.76 24.55
C ILE E 134 -20.01 -18.40 23.89
N PRO E 135 -20.47 -17.28 24.47
CA PRO E 135 -20.15 -15.98 23.85
C PRO E 135 -18.70 -15.58 24.01
N LYS E 136 -18.04 -16.00 25.10
CA LYS E 136 -16.65 -15.63 25.31
C LYS E 136 -15.73 -16.24 24.24
N LEU E 137 -16.14 -17.35 23.64
CA LEU E 137 -15.35 -18.03 22.63
C LEU E 137 -15.79 -17.72 21.20
N PHE E 138 -17.09 -17.66 20.95
CA PHE E 138 -17.61 -17.67 19.59
C PHE E 138 -18.33 -16.39 19.18
N ARG E 139 -18.56 -15.45 20.09
CA ARG E 139 -19.32 -14.26 19.76
C ARG E 139 -18.40 -13.11 19.39
N GLY E 140 -18.75 -12.39 18.33
CA GLY E 140 -18.09 -11.17 17.94
C GLY E 140 -19.10 -10.03 17.86
N LYS E 141 -18.56 -8.81 17.73
CA LYS E 141 -19.38 -7.60 17.67
C LYS E 141 -19.32 -7.03 16.26
N MET E 142 -20.48 -6.66 15.73
CA MET E 142 -20.63 -6.21 14.35
C MET E 142 -21.60 -5.05 14.29
N VAL E 143 -21.40 -4.16 13.33
CA VAL E 143 -22.32 -3.05 13.08
C VAL E 143 -22.67 -3.03 11.60
N SER E 144 -23.91 -2.67 11.30
CA SER E 144 -24.41 -2.56 9.93
C SER E 144 -25.11 -1.22 9.78
N TYR E 145 -24.75 -0.47 8.74
CA TYR E 145 -25.15 0.92 8.62
C TYR E 145 -25.84 1.18 7.28
N ILE E 146 -26.65 2.23 7.27
CA ILE E 146 -27.24 2.79 6.06
C ILE E 146 -27.13 4.30 6.18
N GLN E 147 -26.29 4.92 5.35
CA GLN E 147 -26.03 6.34 5.39
C GLN E 147 -26.52 7.00 4.10
N CYS E 148 -27.34 8.05 4.24
CA CYS E 148 -27.83 8.78 3.09
C CYS E 148 -26.81 9.82 2.64
N LYS E 149 -26.46 9.79 1.35
CA LYS E 149 -25.46 10.71 0.84
C LYS E 149 -26.02 12.13 0.75
N GLU E 150 -27.27 12.27 0.32
CA GLU E 150 -27.84 13.60 0.11
C GLU E 150 -28.40 14.18 1.40
N VAL E 151 -29.33 13.46 2.03
CA VAL E 151 -29.91 13.93 3.29
C VAL E 151 -29.10 13.38 4.46
N ASP E 152 -29.33 13.93 5.66
CA ASP E 152 -28.55 13.59 6.84
C ASP E 152 -29.32 12.62 7.73
N TYR E 153 -29.54 11.42 7.20
CA TYR E 153 -30.19 10.36 7.95
C TYR E 153 -29.31 9.11 7.93
N ARG E 154 -29.18 8.47 9.09
CA ARG E 154 -28.33 7.30 9.23
C ARG E 154 -28.94 6.37 10.27
N SER E 155 -28.92 5.07 9.96
CA SER E 155 -29.49 4.04 10.84
C SER E 155 -28.39 3.02 11.14
N ASP E 156 -27.78 3.15 12.32
CA ASP E 156 -26.79 2.19 12.77
C ASP E 156 -27.49 1.00 13.43
N ARG E 157 -26.92 -0.19 13.22
CA ARG E 157 -27.49 -1.43 13.76
C ARG E 157 -26.35 -2.28 14.31
N ARG E 158 -26.23 -2.33 15.63
CA ARG E 158 -25.24 -3.18 16.27
C ARG E 158 -25.84 -4.55 16.54
N GLU E 159 -25.08 -5.60 16.24
CA GLU E 159 -25.57 -6.97 16.41
C GLU E 159 -24.38 -7.90 16.56
N ASP E 160 -24.63 -9.04 17.21
CA ASP E 160 -23.60 -10.03 17.46
C ASP E 160 -23.68 -11.16 16.44
N TYR E 161 -22.58 -11.89 16.32
CA TYR E 161 -22.50 -13.00 15.37
C TYR E 161 -21.71 -14.14 15.98
N TYR E 162 -22.10 -15.36 15.63
CA TYR E 162 -21.37 -16.56 16.02
C TYR E 162 -20.63 -17.21 14.85
N ASP E 163 -20.89 -16.78 13.62
CA ASP E 163 -20.17 -17.26 12.45
C ASP E 163 -20.33 -16.25 11.33
N ILE E 164 -19.41 -16.30 10.38
CA ILE E 164 -19.36 -15.37 9.26
C ILE E 164 -19.46 -16.17 7.97
N GLN E 165 -20.35 -15.75 7.09
CA GLN E 165 -20.53 -16.38 5.79
C GLN E 165 -19.79 -15.57 4.73
N LEU E 166 -18.84 -16.20 4.05
CA LEU E 166 -17.98 -15.54 3.08
C LEU E 166 -18.32 -16.02 1.67
N SER E 167 -18.23 -15.11 0.71
CA SER E 167 -18.52 -15.41 -0.69
C SER E 167 -17.23 -15.58 -1.48
N ILE E 168 -17.18 -16.63 -2.30
CA ILE E 168 -15.97 -16.99 -3.02
C ILE E 168 -16.05 -16.72 -4.52
N LYS E 169 -17.25 -16.62 -5.09
CA LYS E 169 -17.39 -16.37 -6.52
C LYS E 169 -16.81 -15.01 -6.90
N GLY E 170 -15.71 -15.03 -7.64
CA GLY E 170 -15.01 -13.80 -7.99
C GLY E 170 -13.92 -13.40 -7.02
N LYS E 171 -13.87 -14.01 -5.83
CA LYS E 171 -12.83 -13.74 -4.85
C LYS E 171 -11.78 -14.83 -4.93
N LYS E 172 -10.51 -14.43 -5.05
CA LYS E 172 -9.43 -15.40 -5.21
C LYS E 172 -9.09 -16.09 -3.89
N ASN E 173 -9.04 -15.33 -2.80
CA ASN E 173 -8.59 -15.86 -1.51
C ASN E 173 -9.41 -15.20 -0.40
N ILE E 174 -9.11 -15.59 0.85
CA ILE E 174 -9.92 -15.16 1.97
C ILE E 174 -9.72 -13.68 2.28
N PHE E 175 -8.62 -13.08 1.83
CA PHE E 175 -8.45 -11.65 1.99
C PHE E 175 -9.43 -10.87 1.12
N GLU E 176 -9.71 -11.38 -0.09
CA GLU E 176 -10.66 -10.74 -0.98
C GLU E 176 -12.10 -11.01 -0.59
N SER E 177 -12.38 -12.17 0.02
CA SER E 177 -13.74 -12.43 0.47
C SER E 177 -14.11 -11.55 1.65
N PHE E 178 -13.13 -11.24 2.52
CA PHE E 178 -13.39 -10.34 3.64
C PHE E 178 -13.52 -8.89 3.16
N VAL E 179 -12.79 -8.51 2.10
CA VAL E 179 -12.90 -7.15 1.60
C VAL E 179 -14.21 -6.96 0.85
N ASP E 180 -14.78 -8.04 0.31
CA ASP E 180 -16.11 -7.97 -0.29
C ASP E 180 -17.19 -7.93 0.78
N TYR E 181 -16.91 -8.48 1.96
CA TYR E 181 -17.87 -8.43 3.06
C TYR E 181 -18.10 -6.99 3.51
N VAL E 182 -17.00 -6.27 3.80
CA VAL E 182 -17.08 -4.88 4.26
C VAL E 182 -17.40 -3.90 3.13
N ALA E 183 -17.28 -4.35 1.87
CA ALA E 183 -17.50 -3.47 0.73
C ALA E 183 -18.83 -2.74 0.83
N VAL E 184 -18.84 -1.50 0.32
CA VAL E 184 -20.00 -0.62 0.41
C VAL E 184 -20.88 -0.85 -0.80
N GLU E 185 -22.18 -1.02 -0.58
CA GLU E 185 -23.15 -1.22 -1.64
C GLU E 185 -23.90 0.08 -1.92
N GLN E 186 -24.15 0.34 -3.20
CA GLN E 186 -24.78 1.58 -3.62
C GLN E 186 -26.28 1.39 -3.76
N LEU E 187 -27.04 2.26 -3.09
CA LEU E 187 -28.50 2.28 -3.21
C LEU E 187 -28.95 3.38 -4.17
N ASP E 188 -28.44 3.28 -5.40
CA ASP E 188 -28.70 4.27 -6.43
C ASP E 188 -29.83 3.79 -7.36
N GLY E 189 -30.33 4.72 -8.17
CA GLY E 189 -31.40 4.39 -9.09
C GLY E 189 -32.69 4.09 -8.36
N ASP E 190 -33.38 3.04 -8.78
CA ASP E 190 -34.61 2.63 -8.13
C ASP E 190 -34.35 1.97 -6.78
N ASN E 191 -33.13 1.49 -6.54
CA ASN E 191 -32.77 0.85 -5.28
C ASN E 191 -32.52 1.85 -4.17
N LYS E 192 -33.06 3.06 -4.27
CA LYS E 192 -32.88 4.06 -3.23
C LYS E 192 -33.51 3.58 -1.93
N TYR E 193 -32.86 3.90 -0.82
CA TYR E 193 -33.29 3.43 0.49
C TYR E 193 -34.46 4.28 1.01
N ASP E 194 -35.48 3.61 1.52
CA ASP E 194 -36.69 4.27 2.04
C ASP E 194 -36.32 5.00 3.33
N ALA E 195 -36.20 6.33 3.24
CA ALA E 195 -35.83 7.15 4.38
C ALA E 195 -37.03 7.81 5.05
N GLY E 196 -38.21 7.19 4.93
CA GLY E 196 -39.40 7.69 5.58
C GLY E 196 -39.86 9.04 5.08
N GLU E 197 -39.73 10.07 5.93
CA GLU E 197 -40.13 11.41 5.53
C GLU E 197 -39.25 11.93 4.39
N HIS E 198 -37.97 11.56 4.37
CA HIS E 198 -37.09 11.98 3.30
C HIS E 198 -37.40 11.29 1.98
N GLY E 199 -38.12 10.16 2.02
CA GLY E 199 -38.42 9.43 0.82
C GLY E 199 -37.24 8.60 0.34
N LEU E 200 -37.38 8.09 -0.88
CA LEU E 200 -36.30 7.31 -1.49
C LEU E 200 -35.09 8.19 -1.74
N GLN E 201 -33.93 7.76 -1.23
CA GLN E 201 -32.71 8.55 -1.32
C GLN E 201 -31.54 7.64 -1.69
N GLU E 202 -30.59 8.21 -2.43
CA GLU E 202 -29.35 7.49 -2.73
C GLU E 202 -28.53 7.35 -1.47
N ALA E 203 -28.27 6.11 -1.05
CA ALA E 203 -27.60 5.84 0.21
C ALA E 203 -26.55 4.76 0.00
N GLU E 204 -25.77 4.51 1.04
CA GLU E 204 -24.72 3.50 1.05
C GLU E 204 -24.92 2.59 2.26
N LYS E 205 -24.86 1.29 2.04
CA LYS E 205 -25.02 0.29 3.09
C LYS E 205 -23.79 -0.61 3.14
N GLY E 206 -23.55 -1.18 4.31
CA GLY E 206 -22.43 -2.09 4.48
C GLY E 206 -22.32 -2.55 5.91
N VAL E 207 -21.15 -3.09 6.25
CA VAL E 207 -20.90 -3.66 7.56
C VAL E 207 -19.47 -3.39 7.98
N LYS E 208 -19.28 -3.21 9.29
CA LYS E 208 -17.97 -2.98 9.88
C LYS E 208 -17.79 -3.86 11.10
N PHE E 209 -16.59 -4.42 11.26
CA PHE E 209 -16.29 -5.32 12.36
C PHE E 209 -15.77 -4.53 13.56
N LEU E 210 -16.31 -4.82 14.74
CA LEU E 210 -15.82 -4.22 15.98
C LEU E 210 -14.84 -5.13 16.72
N THR E 211 -15.22 -6.37 17.00
CA THR E 211 -14.34 -7.34 17.62
C THR E 211 -14.46 -8.67 16.90
N LEU E 212 -13.40 -9.47 17.01
CA LEU E 212 -13.38 -10.80 16.42
C LEU E 212 -13.32 -11.85 17.52
N PRO E 213 -14.17 -12.89 17.46
CA PRO E 213 -14.23 -13.84 18.56
C PRO E 213 -12.98 -14.69 18.63
N PRO E 214 -12.61 -15.18 19.81
CA PRO E 214 -11.40 -16.02 19.91
C PRO E 214 -11.44 -17.23 19.01
N VAL E 215 -12.59 -17.87 18.85
CA VAL E 215 -12.78 -18.94 17.87
C VAL E 215 -13.68 -18.40 16.77
N LEU E 216 -13.17 -18.43 15.55
CA LEU E 216 -13.80 -17.77 14.41
C LEU E 216 -14.33 -18.86 13.47
N HIS E 217 -15.66 -18.96 13.38
CA HIS E 217 -16.29 -19.93 12.49
C HIS E 217 -16.60 -19.26 11.15
N LEU E 218 -16.09 -19.86 10.07
CA LEU E 218 -16.24 -19.32 8.72
C LEU E 218 -16.84 -20.38 7.82
N GLN E 219 -17.91 -20.02 7.11
CA GLN E 219 -18.48 -20.86 6.07
C GLN E 219 -18.26 -20.22 4.72
N LEU E 220 -17.85 -21.03 3.74
CA LEU E 220 -17.57 -20.54 2.39
C LEU E 220 -18.73 -20.87 1.46
N MET E 221 -19.13 -19.89 0.66
CA MET E 221 -20.30 -19.99 -0.20
C MET E 221 -19.95 -20.76 -1.46
N ARG E 222 -20.05 -22.09 -1.37
CA ARG E 222 -19.68 -22.96 -2.47
C ARG E 222 -20.87 -23.64 -3.12
N PHE E 223 -22.09 -23.25 -2.77
CA PHE E 223 -23.30 -23.76 -3.40
C PHE E 223 -24.26 -22.62 -3.67
N MET E 224 -25.09 -22.81 -4.69
CA MET E 224 -25.97 -21.73 -5.14
C MET E 224 -27.18 -22.35 -5.83
N TYR E 225 -28.38 -22.09 -5.31
CA TYR E 225 -29.58 -22.47 -6.03
C TYR E 225 -29.88 -21.44 -7.10
N ASP E 226 -30.29 -21.92 -8.26
CA ASP E 226 -30.57 -21.07 -9.41
C ASP E 226 -32.06 -21.19 -9.75
N PRO E 227 -32.81 -20.08 -9.77
CA PRO E 227 -34.28 -20.19 -9.84
C PRO E 227 -34.80 -20.67 -11.18
N GLN E 228 -34.21 -20.21 -12.29
CA GLN E 228 -34.51 -20.74 -13.61
C GLN E 228 -34.47 -22.27 -13.65
N THR E 229 -33.65 -22.88 -12.79
CA THR E 229 -33.55 -24.31 -12.63
C THR E 229 -34.15 -24.71 -11.29
N ASP E 230 -34.21 -26.01 -11.02
CA ASP E 230 -34.76 -26.50 -9.76
C ASP E 230 -33.73 -27.24 -8.92
N GLN E 231 -32.43 -27.02 -9.18
CA GLN E 231 -31.38 -27.74 -8.51
C GLN E 231 -30.26 -26.78 -8.12
N ASN E 232 -29.33 -27.28 -7.31
CA ASN E 232 -28.20 -26.49 -6.83
C ASN E 232 -26.99 -26.65 -7.73
N ILE E 233 -26.12 -25.65 -7.71
CA ILE E 233 -24.91 -25.62 -8.50
C ILE E 233 -23.73 -25.37 -7.56
N LYS E 234 -22.71 -26.22 -7.65
CA LYS E 234 -21.54 -26.12 -6.79
C LYS E 234 -20.47 -25.26 -7.45
N ILE E 235 -19.85 -24.39 -6.65
CA ILE E 235 -18.80 -23.50 -7.11
C ILE E 235 -17.47 -24.13 -6.70
N ASN E 236 -16.78 -24.75 -7.65
CA ASN E 236 -15.49 -25.40 -7.41
C ASN E 236 -14.31 -24.47 -7.70
N ASP E 237 -14.52 -23.16 -7.71
CA ASP E 237 -13.43 -22.24 -8.00
C ASP E 237 -12.37 -22.29 -6.91
N ARG E 238 -11.13 -22.02 -7.31
CA ARG E 238 -10.01 -22.05 -6.37
C ARG E 238 -10.13 -20.91 -5.38
N PHE E 239 -10.00 -21.23 -4.10
CA PHE E 239 -10.11 -20.25 -3.02
C PHE E 239 -9.05 -20.57 -1.98
N GLU E 240 -8.15 -19.63 -1.74
CA GLU E 240 -7.00 -19.85 -0.88
C GLU E 240 -7.22 -19.27 0.50
N PHE E 241 -6.84 -20.04 1.52
CA PHE E 241 -6.88 -19.58 2.91
C PHE E 241 -5.55 -19.88 3.58
N PRO E 242 -5.03 -18.96 4.38
CA PRO E 242 -3.69 -19.13 4.95
C PRO E 242 -3.68 -19.92 6.25
N GLU E 243 -2.51 -20.42 6.60
CA GLU E 243 -2.30 -21.03 7.90
C GLU E 243 -2.38 -19.98 9.01
N GLN E 244 -1.85 -18.79 8.74
CA GLN E 244 -1.93 -17.65 9.65
C GLN E 244 -2.70 -16.54 8.95
N LEU E 245 -3.75 -16.05 9.60
CA LEU E 245 -4.66 -15.08 9.00
C LEU E 245 -4.65 -13.77 9.79
N PRO E 246 -3.89 -12.76 9.35
CA PRO E 246 -3.97 -11.44 9.99
C PRO E 246 -5.22 -10.71 9.56
N LEU E 247 -6.07 -10.36 10.53
CA LEU E 247 -7.32 -9.67 10.26
C LEU E 247 -7.37 -8.29 10.90
N ASP E 248 -6.21 -7.72 11.23
CA ASP E 248 -6.18 -6.41 11.87
C ASP E 248 -6.62 -5.30 10.93
N GLU E 249 -6.38 -5.46 9.63
CA GLU E 249 -6.67 -4.39 8.69
C GLU E 249 -8.16 -4.10 8.61
N PHE E 250 -9.01 -5.08 8.90
CA PHE E 250 -10.45 -4.94 8.75
C PHE E 250 -11.15 -4.69 10.07
N LEU E 251 -10.39 -4.58 11.15
CA LEU E 251 -10.93 -4.38 12.49
C LEU E 251 -10.87 -2.89 12.82
N GLN E 252 -12.04 -2.24 12.83
CA GLN E 252 -12.09 -0.83 13.19
C GLN E 252 -11.62 -0.65 14.63
N LYS E 253 -10.88 0.42 14.87
CA LYS E 253 -10.26 0.70 16.17
C LYS E 253 -9.34 -0.46 16.59
N THR E 254 -8.28 -0.64 15.80
CA THR E 254 -7.31 -1.70 16.05
C THR E 254 -6.55 -1.42 17.34
N ASP E 255 -6.47 -2.43 18.22
CA ASP E 255 -5.75 -2.17 19.45
C ASP E 255 -4.41 -2.88 19.45
N PRO E 256 -3.35 -2.23 19.91
CA PRO E 256 -2.07 -2.92 20.09
C PRO E 256 -2.14 -3.91 21.23
N LYS E 257 -1.02 -4.61 21.43
CA LYS E 257 -0.83 -5.69 22.40
C LYS E 257 -1.76 -6.87 22.16
N ASP E 258 -2.59 -6.85 21.12
CA ASP E 258 -3.50 -7.94 20.77
C ASP E 258 -3.95 -7.77 19.33
N PRO E 259 -3.09 -8.06 18.35
CA PRO E 259 -3.52 -8.01 16.95
C PRO E 259 -4.48 -9.14 16.65
N ALA E 260 -5.22 -8.97 15.55
CA ALA E 260 -6.20 -9.96 15.13
C ALA E 260 -5.54 -11.04 14.28
N ASN E 261 -4.44 -11.59 14.76
CA ASN E 261 -3.76 -12.70 14.09
C ASN E 261 -4.42 -14.01 14.50
N TYR E 262 -4.88 -14.78 13.52
CA TYR E 262 -5.58 -16.02 13.77
C TYR E 262 -4.82 -17.18 13.14
N ILE E 263 -5.04 -18.37 13.69
CA ILE E 263 -4.32 -19.57 13.29
C ILE E 263 -5.33 -20.64 12.90
N LEU E 264 -5.09 -21.31 11.77
CA LEU E 264 -5.95 -22.38 11.31
C LEU E 264 -6.02 -23.50 12.34
N HIS E 265 -7.23 -23.97 12.60
CA HIS E 265 -7.45 -25.14 13.46
C HIS E 265 -8.24 -26.22 12.74
N ALA E 266 -9.31 -25.86 12.03
CA ALA E 266 -10.19 -26.84 11.40
C ALA E 266 -10.40 -26.51 9.93
N VAL E 267 -10.47 -27.54 9.10
CA VAL E 267 -10.82 -27.43 7.70
C VAL E 267 -11.89 -28.49 7.43
N LEU E 268 -13.13 -28.05 7.21
CA LEU E 268 -14.21 -28.96 6.86
C LEU E 268 -14.31 -29.03 5.33
N VAL E 269 -14.32 -30.24 4.80
CA VAL E 269 -14.13 -30.50 3.39
C VAL E 269 -15.30 -31.34 2.87
N HIS E 270 -15.76 -30.98 1.66
CA HIS E 270 -16.77 -31.75 0.94
C HIS E 270 -16.28 -31.99 -0.48
N SER E 271 -16.15 -33.27 -0.85
CA SER E 271 -15.69 -33.66 -2.18
C SER E 271 -16.85 -34.26 -2.96
N GLY E 272 -17.00 -33.84 -4.20
CA GLY E 272 -18.03 -34.34 -5.09
C GLY E 272 -18.88 -33.24 -5.67
N ASP E 273 -20.14 -33.56 -5.93
CA ASP E 273 -21.11 -32.59 -6.42
C ASP E 273 -22.51 -33.14 -6.16
N ASN E 274 -23.50 -32.51 -6.77
CA ASN E 274 -24.89 -32.91 -6.60
C ASN E 274 -25.12 -34.36 -6.99
N HIS E 278 -19.15 -36.47 -0.12
CA HIS E 278 -18.56 -37.00 1.11
C HIS E 278 -17.98 -35.86 1.95
N TYR E 279 -18.12 -35.98 3.27
CA TYR E 279 -17.69 -34.94 4.21
C TYR E 279 -16.53 -35.47 5.05
N VAL E 280 -15.40 -34.77 4.99
CA VAL E 280 -14.22 -35.08 5.78
C VAL E 280 -13.74 -33.78 6.43
N VAL E 281 -12.94 -33.92 7.48
CA VAL E 281 -12.46 -32.75 8.22
C VAL E 281 -10.98 -32.96 8.58
N TYR E 282 -10.20 -31.90 8.46
CA TYR E 282 -8.78 -31.89 8.82
C TYR E 282 -8.57 -31.00 10.03
N LEU E 283 -7.71 -31.44 10.96
CA LEU E 283 -7.53 -30.75 12.23
C LEU E 283 -6.08 -30.88 12.69
N ASN E 284 -5.61 -29.86 13.41
CA ASN E 284 -4.45 -29.97 14.29
C ASN E 284 -4.94 -29.69 15.70
N PRO E 285 -5.31 -30.72 16.46
CA PRO E 285 -5.91 -30.50 17.78
C PRO E 285 -5.05 -29.68 18.73
N LYS E 286 -3.73 -29.79 18.63
CA LYS E 286 -2.83 -29.07 19.53
C LYS E 286 -2.47 -27.68 19.02
N GLY E 287 -2.93 -27.30 17.83
CA GLY E 287 -2.54 -26.03 17.25
C GLY E 287 -1.09 -25.96 16.83
N ASP E 288 -0.41 -27.08 16.74
CA ASP E 288 1.02 -27.15 16.47
C ASP E 288 1.34 -27.37 14.99
N GLY E 289 0.33 -27.40 14.12
CA GLY E 289 0.56 -27.70 12.73
C GLY E 289 0.69 -29.17 12.41
N LYS E 290 0.58 -30.05 13.40
CA LYS E 290 0.58 -31.50 13.18
C LYS E 290 -0.84 -31.91 12.81
N TRP E 291 -1.07 -32.13 11.52
CA TRP E 291 -2.39 -32.32 10.96
C TRP E 291 -2.83 -33.78 10.99
N CYS E 292 -4.14 -33.97 11.01
CA CYS E 292 -4.76 -35.29 10.92
C CYS E 292 -6.04 -35.19 10.11
N LYS E 293 -6.43 -36.30 9.50
CA LYS E 293 -7.63 -36.38 8.67
C LYS E 293 -8.65 -37.24 9.39
N PHE E 294 -9.83 -36.69 9.63
CA PHE E 294 -10.91 -37.36 10.35
C PHE E 294 -12.01 -37.72 9.34
N ASP E 295 -12.02 -38.98 8.91
CA ASP E 295 -13.01 -39.50 7.97
C ASP E 295 -13.85 -40.54 8.71
N ASP E 296 -14.88 -40.06 9.42
CA ASP E 296 -15.75 -40.90 10.23
C ASP E 296 -14.95 -41.74 11.21
N ASP E 297 -14.96 -43.05 11.04
CA ASP E 297 -14.33 -43.98 11.97
C ASP E 297 -12.83 -44.13 11.75
N VAL E 298 -12.26 -43.48 10.74
CA VAL E 298 -10.83 -43.56 10.44
C VAL E 298 -10.18 -42.25 10.83
N VAL E 299 -9.13 -42.32 11.64
CA VAL E 299 -8.33 -41.17 12.02
C VAL E 299 -6.87 -41.47 11.69
N SER E 300 -6.23 -40.56 10.98
CA SER E 300 -4.88 -40.80 10.49
C SER E 300 -4.16 -39.48 10.32
N ARG E 301 -2.85 -39.50 10.52
CA ARG E 301 -2.05 -38.30 10.26
C ARG E 301 -2.01 -38.01 8.77
N CYS E 302 -1.88 -36.73 8.44
CA CYS E 302 -1.83 -36.30 7.05
C CYS E 302 -0.84 -35.16 6.92
N THR E 303 -0.31 -34.99 5.72
CA THR E 303 0.56 -33.87 5.44
C THR E 303 -0.22 -32.56 5.60
N LYS E 304 0.51 -31.51 5.99
CA LYS E 304 -0.06 -30.17 5.97
C LYS E 304 -0.69 -29.88 4.62
N GLU E 305 0.00 -30.22 3.54
CA GLU E 305 -0.45 -29.85 2.19
C GLU E 305 -1.80 -30.45 1.85
N GLU E 306 -2.04 -31.69 2.26
CA GLU E 306 -3.33 -32.32 2.01
C GLU E 306 -4.47 -31.64 2.77
N ALA E 307 -4.14 -30.95 3.86
CA ALA E 307 -5.16 -30.35 4.72
C ALA E 307 -5.55 -28.93 4.33
N ILE E 308 -4.73 -28.24 3.54
CA ILE E 308 -5.03 -26.84 3.24
C ILE E 308 -5.15 -26.68 1.73
N GLU E 309 -4.09 -27.04 1.01
CA GLU E 309 -4.01 -26.65 -0.40
C GLU E 309 -4.85 -27.57 -1.28
N HIS E 310 -4.79 -28.88 -1.04
CA HIS E 310 -5.61 -29.80 -1.82
C HIS E 310 -7.11 -29.57 -1.62
N ASN E 311 -7.50 -28.64 -0.76
CA ASN E 311 -8.88 -28.25 -0.57
C ASN E 311 -9.15 -26.83 -1.05
N TYR E 312 -8.18 -26.19 -1.69
CA TYR E 312 -8.42 -24.87 -2.28
C TYR E 312 -9.45 -24.95 -3.40
N GLY E 313 -9.41 -26.00 -4.20
CA GLY E 313 -10.30 -26.17 -5.32
C GLY E 313 -9.66 -25.77 -6.64
N GLY E 314 -10.39 -26.04 -7.71
CA GLY E 314 -9.93 -25.73 -9.05
C GLY E 314 -10.32 -26.77 -10.09
N CYS E 324 -14.65 -33.24 -7.36
CA CYS E 324 -13.56 -32.32 -7.02
C CYS E 324 -13.58 -31.98 -5.53
N THR E 325 -12.41 -31.91 -4.93
CA THR E 325 -12.27 -31.70 -3.49
C THR E 325 -12.09 -30.22 -3.18
N ASN E 326 -12.79 -29.74 -2.16
CA ASN E 326 -12.64 -28.36 -1.70
C ASN E 326 -13.23 -28.26 -0.29
N ALA E 327 -12.85 -27.19 0.40
CA ALA E 327 -13.26 -26.94 1.76
C ALA E 327 -14.40 -25.94 1.81
N TYR E 328 -15.41 -26.24 2.63
CA TYR E 328 -16.59 -25.39 2.73
C TYR E 328 -16.74 -24.71 4.08
N MET E 329 -15.87 -24.99 5.05
CA MET E 329 -15.97 -24.38 6.37
C MET E 329 -14.60 -24.38 7.03
N LEU E 330 -14.26 -23.28 7.66
CA LEU E 330 -12.98 -23.09 8.32
C LEU E 330 -13.20 -22.66 9.77
N VAL E 331 -12.23 -22.97 10.62
CA VAL E 331 -12.22 -22.54 12.01
C VAL E 331 -10.85 -21.99 12.34
N TYR E 332 -10.78 -20.71 12.68
CA TYR E 332 -9.57 -20.06 13.12
C TYR E 332 -9.65 -19.77 14.61
N ILE E 333 -8.49 -19.54 15.21
CA ILE E 333 -8.41 -19.22 16.64
C ILE E 333 -7.38 -18.12 16.83
N ARG E 334 -7.73 -17.11 17.62
CA ARG E 334 -6.85 -15.98 17.86
C ARG E 334 -5.54 -16.43 18.49
N GLU E 335 -4.43 -15.94 17.94
CA GLU E 335 -3.11 -16.32 18.45
C GLU E 335 -2.91 -15.90 19.90
N SER E 336 -3.50 -14.76 20.30
CA SER E 336 -3.36 -14.30 21.67
C SER E 336 -4.04 -15.26 22.64
N LYS E 337 -5.23 -15.73 22.30
CA LYS E 337 -6.00 -16.64 23.15
C LYS E 337 -5.76 -18.11 22.81
N LEU E 338 -4.76 -18.40 21.98
CA LEU E 338 -4.52 -19.78 21.56
C LEU E 338 -4.19 -20.68 22.75
N SER E 339 -3.38 -20.18 23.68
CA SER E 339 -2.92 -20.98 24.81
C SER E 339 -4.09 -21.48 25.66
N GLU E 340 -5.10 -20.63 25.86
CA GLU E 340 -6.18 -20.96 26.77
C GLU E 340 -7.24 -21.82 26.11
N VAL E 341 -7.65 -21.47 24.89
CA VAL E 341 -8.67 -22.23 24.19
C VAL E 341 -8.20 -23.65 23.93
N LEU E 342 -6.91 -23.85 23.74
CA LEU E 342 -6.33 -25.18 23.49
C LEU E 342 -5.56 -25.67 24.71
N GLN E 343 -6.10 -25.43 25.90
CA GLN E 343 -5.44 -25.88 27.13
C GLN E 343 -5.63 -27.38 27.30
N ALA E 344 -4.65 -28.01 27.93
CA ALA E 344 -4.69 -29.46 28.12
C ALA E 344 -5.89 -29.85 28.98
N VAL E 345 -6.64 -30.84 28.52
CA VAL E 345 -7.77 -31.38 29.24
C VAL E 345 -7.39 -32.77 29.74
N THR E 346 -7.87 -33.14 30.92
CA THR E 346 -7.43 -34.34 31.60
C THR E 346 -8.64 -35.08 32.17
N ASP E 347 -8.41 -36.33 32.57
CA ASP E 347 -9.44 -37.14 33.21
C ASP E 347 -9.79 -36.63 34.60
N HIS E 348 -9.08 -35.62 35.12
CA HIS E 348 -9.47 -34.97 36.36
C HIS E 348 -10.43 -33.81 36.13
N ASP E 349 -10.54 -33.32 34.90
CA ASP E 349 -11.46 -32.23 34.60
C ASP E 349 -12.90 -32.71 34.45
N ILE E 350 -13.12 -33.98 34.15
CA ILE E 350 -14.49 -34.51 34.17
C ILE E 350 -14.95 -34.63 35.62
N PRO E 351 -16.12 -34.11 35.98
CA PRO E 351 -16.62 -34.31 37.34
C PRO E 351 -16.94 -35.78 37.59
N GLN E 352 -16.77 -36.20 38.84
CA GLN E 352 -17.01 -37.60 39.19
C GLN E 352 -18.49 -37.97 39.04
N GLN E 353 -19.39 -36.99 39.13
CA GLN E 353 -20.80 -37.28 38.90
C GLN E 353 -21.06 -37.60 37.43
N LEU E 354 -20.38 -36.90 36.52
CA LEU E 354 -20.50 -37.23 35.10
C LEU E 354 -19.86 -38.57 34.78
N VAL E 355 -18.73 -38.88 35.43
CA VAL E 355 -18.11 -40.18 35.22
C VAL E 355 -18.99 -41.29 35.76
N GLU E 356 -19.64 -41.06 36.90
CA GLU E 356 -20.50 -42.08 37.48
C GLU E 356 -21.73 -42.33 36.62
N ARG E 357 -22.34 -41.25 36.11
CA ARG E 357 -23.49 -41.41 35.23
C ARG E 357 -23.10 -42.04 33.90
N LEU E 358 -21.86 -41.84 33.46
CA LEU E 358 -21.41 -42.40 32.19
C LEU E 358 -21.28 -43.91 32.27
N GLN E 359 -20.70 -44.43 33.34
CA GLN E 359 -20.53 -45.87 33.48
C GLN E 359 -21.87 -46.59 33.58
N GLU E 360 -22.92 -45.89 34.05
CA GLU E 360 -24.23 -46.51 34.16
C GLU E 360 -24.83 -46.80 32.79
N GLU E 361 -24.46 -46.03 31.77
CA GLU E 361 -25.00 -46.19 30.43
C GLU E 361 -24.53 -47.50 29.80
N PHE F 2 -36.60 -22.25 -1.13
CA PHE F 2 -35.74 -21.23 -1.73
C PHE F 2 -36.51 -20.27 -2.63
N PHE F 3 -36.66 -20.64 -3.90
CA PHE F 3 -37.41 -19.86 -4.90
C PHE F 3 -36.80 -18.48 -5.10
N ARG F 4 -35.48 -18.38 -5.00
CA ARG F 4 -34.76 -17.12 -5.21
C ARG F 4 -33.28 -17.46 -5.35
N ILE F 5 -32.52 -16.48 -5.83
CA ILE F 5 -31.07 -16.64 -5.84
C ILE F 5 -30.57 -16.70 -4.40
N ARG F 6 -29.84 -17.76 -4.08
CA ARG F 6 -29.43 -17.98 -2.70
C ARG F 6 -28.22 -18.88 -2.68
N TYR F 7 -27.28 -18.57 -1.79
CA TYR F 7 -26.03 -19.29 -1.67
C TYR F 7 -25.96 -20.01 -0.32
N PHE F 8 -25.51 -21.26 -0.33
CA PHE F 8 -25.32 -22.04 0.88
C PHE F 8 -23.92 -22.63 0.89
N ALA F 9 -23.46 -23.03 2.08
CA ALA F 9 -22.15 -23.65 2.22
C ALA F 9 -22.18 -25.10 1.71
N THR F 10 -22.95 -25.96 2.38
CA THR F 10 -23.23 -27.29 1.86
C THR F 10 -24.38 -27.21 0.87
N ASN F 11 -24.81 -28.36 0.36
CA ASN F 11 -25.96 -28.41 -0.55
C ASN F 11 -27.24 -28.35 0.27
N VAL F 12 -27.69 -27.13 0.55
CA VAL F 12 -28.98 -26.95 1.20
C VAL F 12 -30.06 -26.98 0.13
N ARG F 13 -30.94 -27.97 0.21
CA ARG F 13 -32.04 -28.14 -0.73
C ARG F 13 -33.35 -28.00 0.02
N CYS F 14 -34.07 -26.92 -0.27
CA CYS F 14 -35.37 -26.65 0.36
C CYS F 14 -36.39 -27.74 0.06
#